data_2HKE
#
_entry.id   2HKE
#
_cell.length_a   51.463
_cell.length_b   168.666
_cell.length_c   54.850
_cell.angle_alpha   90.00
_cell.angle_beta   118.78
_cell.angle_gamma   90.00
#
_symmetry.space_group_name_H-M   'P 1 21 1'
#
loop_
_entity.id
_entity.type
_entity.pdbx_description
1 polymer 'Diphosphomevalonate decarboxylase, putative'
2 non-polymer 'SULFATE ION'
3 water water
#
_entity_poly.entity_id   1
_entity_poly.type   'polypeptide(L)'
_entity_poly.pdbx_seq_one_letter_code
;MSDQCVTVEAPINIAFIKYWGKREGGETLILPTNDSFSITLSASPFRSKTSVELRDDIETDTLRLNGTEVDVGKTPRVQS
MLLHLRSTCPEELKNKKVNIVSENNFPTAAGMASSASGYCAMSAALIRAFKSTTNVSMLARLGSGSACRSAFGGFVIWNK
GEKPDGSDCVATQFVDETHWPEIQVMCAVLKGAQKDVSSTKGMQQSLKTSPLMKKRISETVPERMKIASRAIKARDFATF
AEIAMLESDDLQEICATTEPKITYATEDSYAMIRLVKAYNAKKGRTALAYTFDAGANCFLFVLKEDLPEAVAMLMEHFPT
PFEKFFFGDRELLEKVKVVSLPDEYKKLIDHPKKPFEMLLQSPVGCGVKYLGPSESLIPP
;
_entity_poly.pdbx_strand_id   A,B
#
# COMPACT_ATOMS: atom_id res chain seq x y z
N GLN A 4 -32.80 34.16 -15.90
CA GLN A 4 -32.62 34.83 -17.25
C GLN A 4 -32.16 33.80 -18.33
N CYS A 5 -31.15 34.23 -19.10
CA CYS A 5 -30.28 33.38 -19.93
C CYS A 5 -29.02 33.25 -19.12
N VAL A 6 -28.57 32.04 -18.83
CA VAL A 6 -27.46 31.84 -17.92
C VAL A 6 -26.38 31.00 -18.60
N THR A 7 -25.13 31.40 -18.41
CA THR A 7 -23.98 30.70 -18.99
C THR A 7 -22.97 30.40 -17.91
N VAL A 8 -22.48 29.15 -17.91
CA VAL A 8 -21.58 28.64 -16.88
C VAL A 8 -20.48 27.87 -17.57
N GLU A 9 -19.28 27.96 -17.02
CA GLU A 9 -18.20 27.08 -17.39
C GLU A 9 -17.86 26.21 -16.17
N ALA A 10 -17.64 24.93 -16.42
CA ALA A 10 -17.18 24.03 -15.36
C ALA A 10 -15.92 23.27 -15.79
N PRO A 11 -15.04 22.96 -14.81
CA PRO A 11 -13.81 22.20 -15.06
C PRO A 11 -14.02 20.70 -14.90
N ILE A 12 -13.08 19.89 -15.40
CA ILE A 12 -13.07 18.48 -14.99
C ILE A 12 -12.47 18.31 -13.61
N ASN A 13 -12.52 17.09 -13.07
CA ASN A 13 -11.84 16.78 -11.84
C ASN A 13 -11.24 15.40 -12.00
N ILE A 14 -10.27 15.10 -11.14
CA ILE A 14 -9.65 13.78 -11.14
C ILE A 14 -9.77 13.14 -9.79
N ALA A 15 -10.46 11.99 -9.72
CA ALA A 15 -10.57 11.23 -8.48
C ALA A 15 -9.26 10.55 -8.16
N PHE A 16 -8.76 10.75 -6.94
CA PHE A 16 -7.62 9.91 -6.46
C PHE A 16 -8.11 8.77 -5.58
N ILE A 17 -9.29 8.90 -4.95
CA ILE A 17 -10.01 7.84 -4.32
C ILE A 17 -11.22 7.60 -5.20
N LYS A 18 -11.23 6.43 -5.81
CA LYS A 18 -12.12 6.18 -6.94
C LYS A 18 -13.61 5.92 -6.68
N TYR A 19 -14.43 6.48 -7.56
CA TYR A 19 -15.82 6.12 -7.70
C TYR A 19 -15.87 4.93 -8.69
N TRP A 20 -16.36 3.76 -8.26
CA TRP A 20 -16.53 2.64 -9.14
C TRP A 20 -17.56 1.73 -8.49
N GLY A 21 -18.81 1.95 -8.85
CA GLY A 21 -19.94 1.20 -8.38
C GLY A 21 -21.06 2.02 -7.78
N LYS A 22 -22.29 1.74 -8.21
CA LYS A 22 -23.49 2.25 -7.59
C LYS A 22 -24.12 1.19 -6.68
N ARG A 23 -24.51 1.61 -5.48
CA ARG A 23 -25.14 0.73 -4.52
C ARG A 23 -26.60 0.38 -4.83
N GLU A 24 -27.12 -0.62 -4.11
CA GLU A 24 -28.51 -1.02 -4.34
C GLU A 24 -29.41 0.18 -4.14
N GLY A 25 -30.29 0.41 -5.11
CA GLY A 25 -31.24 1.51 -5.08
C GLY A 25 -30.63 2.77 -5.68
N GLY A 26 -29.41 2.67 -6.21
CA GLY A 26 -28.66 3.83 -6.67
C GLY A 26 -28.42 4.03 -8.14
N GLU A 27 -29.01 3.20 -9.02
CA GLU A 27 -28.69 3.26 -10.42
C GLU A 27 -29.36 4.40 -11.17
N THR A 28 -30.50 4.88 -10.65
CA THR A 28 -31.19 6.02 -11.24
C THR A 28 -30.79 7.29 -10.54
N LEU A 29 -30.84 7.24 -9.21
CA LEU A 29 -30.40 8.38 -8.37
C LEU A 29 -28.90 8.64 -8.37
N ILE A 30 -28.09 7.67 -8.84
CA ILE A 30 -26.61 7.81 -8.88
C ILE A 30 -26.08 7.92 -7.41
N LEU A 31 -26.22 6.82 -6.69
CA LEU A 31 -25.79 6.70 -5.31
C LEU A 31 -24.67 5.66 -5.26
N PRO A 32 -23.48 6.06 -4.81
CA PRO A 32 -22.33 5.20 -4.99
C PRO A 32 -22.18 4.19 -3.85
N THR A 33 -21.39 3.14 -4.09
CA THR A 33 -21.05 2.19 -3.01
C THR A 33 -20.09 2.75 -1.98
N ASN A 34 -19.30 3.77 -2.33
CA ASN A 34 -18.30 4.31 -1.42
C ASN A 34 -18.06 5.78 -1.74
N ASP A 35 -17.43 6.47 -0.81
CA ASP A 35 -17.04 7.85 -1.04
C ASP A 35 -15.97 7.89 -2.12
N SER A 36 -15.83 9.08 -2.73
CA SER A 36 -14.71 9.32 -3.62
C SER A 36 -14.12 10.68 -3.30
N PHE A 37 -12.96 10.98 -3.84
CA PHE A 37 -12.23 12.15 -3.40
C PHE A 37 -11.45 12.59 -4.62
N SER A 38 -11.57 13.88 -5.01
CA SER A 38 -10.97 14.32 -6.24
C SER A 38 -10.34 15.69 -6.07
N ILE A 39 -9.47 16.01 -7.02
CA ILE A 39 -8.94 17.36 -7.18
C ILE A 39 -9.63 17.99 -8.36
N THR A 40 -10.14 19.20 -8.16
CA THR A 40 -10.71 19.94 -9.23
C THR A 40 -9.60 20.63 -10.06
N LEU A 41 -9.66 20.52 -11.36
CA LEU A 41 -8.65 21.08 -12.23
C LEU A 41 -9.07 22.53 -12.62
N SER A 42 -8.13 23.27 -13.17
CA SER A 42 -8.41 24.55 -13.80
C SER A 42 -9.35 24.42 -15.00
N ALA A 43 -10.20 25.43 -15.19
CA ALA A 43 -11.05 25.52 -16.37
C ALA A 43 -10.29 26.17 -17.54
N SER A 44 -8.99 26.38 -17.41
CA SER A 44 -8.23 26.86 -18.55
C SER A 44 -6.99 25.97 -18.73
N PRO A 45 -6.70 25.58 -19.97
CA PRO A 45 -7.36 26.05 -21.19
C PRO A 45 -8.67 25.37 -21.55
N PHE A 46 -8.92 24.16 -21.02
CA PHE A 46 -10.07 23.35 -21.42
C PHE A 46 -11.18 23.30 -20.34
N ARG A 47 -12.42 23.36 -20.81
CA ARG A 47 -13.58 23.41 -19.93
C ARG A 47 -14.85 23.05 -20.73
N SER A 48 -15.94 22.78 -20.01
CA SER A 48 -17.25 22.71 -20.64
C SER A 48 -17.99 24.00 -20.36
N LYS A 49 -18.87 24.34 -21.29
CA LYS A 49 -19.64 25.55 -21.20
C LYS A 49 -21.07 25.19 -21.57
N THR A 50 -22.02 25.68 -20.76
CA THR A 50 -23.46 25.57 -21.04
C THR A 50 -24.16 26.91 -20.89
N SER A 51 -25.06 27.17 -21.82
CA SER A 51 -25.97 28.30 -21.80
C SER A 51 -27.38 27.75 -21.74
N VAL A 52 -28.21 28.33 -20.89
CA VAL A 52 -29.60 27.95 -20.87
C VAL A 52 -30.48 29.19 -21.02
N GLU A 53 -31.63 29.02 -21.67
CA GLU A 53 -32.62 30.09 -21.79
C GLU A 53 -34.01 29.58 -21.47
N LEU A 54 -34.70 30.20 -20.52
CA LEU A 54 -36.10 29.80 -20.22
C LEU A 54 -36.97 30.36 -21.31
N ARG A 55 -37.96 29.58 -21.73
CA ARG A 55 -38.82 29.93 -22.85
C ARG A 55 -40.31 29.72 -22.51
N ASP A 56 -41.14 30.53 -23.14
CA ASP A 56 -42.61 30.36 -23.15
C ASP A 56 -43.12 30.00 -24.55
N ASP A 57 -42.43 30.51 -25.56
CA ASP A 57 -42.85 30.35 -26.94
C ASP A 57 -42.86 28.89 -27.35
N ILE A 58 -41.91 28.12 -26.83
CA ILE A 58 -41.69 26.74 -27.28
C ILE A 58 -42.48 25.71 -26.49
N GLU A 59 -42.63 24.53 -27.09
CA GLU A 59 -43.51 23.49 -26.58
C GLU A 59 -42.79 22.32 -25.92
N THR A 60 -41.49 22.16 -26.18
CA THR A 60 -40.69 21.19 -25.42
C THR A 60 -39.34 21.78 -25.05
N ASP A 61 -38.64 21.11 -24.13
CA ASP A 61 -37.27 21.49 -23.83
C ASP A 61 -36.40 21.07 -25.00
N THR A 62 -35.31 21.80 -25.21
CA THR A 62 -34.33 21.41 -26.21
C THR A 62 -32.93 21.33 -25.65
N LEU A 63 -32.13 20.50 -26.29
CA LEU A 63 -30.76 20.31 -25.88
C LEU A 63 -29.91 20.28 -27.13
N ARG A 64 -28.86 21.09 -27.16
CA ARG A 64 -27.90 21.10 -28.26
C ARG A 64 -26.56 20.78 -27.65
N LEU A 65 -25.95 19.71 -28.15
CA LEU A 65 -24.64 19.26 -27.70
C LEU A 65 -23.68 19.35 -28.88
N ASN A 66 -22.63 20.14 -28.70
CA ASN A 66 -21.57 20.27 -29.70
C ASN A 66 -22.12 20.72 -31.03
N GLY A 67 -23.06 21.67 -30.99
CA GLY A 67 -23.75 22.16 -32.18
C GLY A 67 -24.89 21.33 -32.76
N THR A 68 -25.07 20.11 -32.26
CA THR A 68 -26.10 19.20 -32.76
C THR A 68 -27.29 19.06 -31.82
N GLU A 69 -28.49 19.32 -32.31
CA GLU A 69 -29.67 19.17 -31.50
C GLU A 69 -29.96 17.69 -31.26
N VAL A 70 -30.22 17.38 -29.99
CA VAL A 70 -30.38 16.03 -29.51
C VAL A 70 -31.82 15.88 -28.96
N ASP A 71 -32.39 14.67 -28.98
CA ASP A 71 -33.75 14.46 -28.46
C ASP A 71 -33.69 14.31 -26.93
N VAL A 72 -34.27 15.26 -26.21
CA VAL A 72 -34.27 15.19 -24.72
C VAL A 72 -35.00 13.95 -24.20
N GLY A 73 -36.10 13.58 -24.88
CA GLY A 73 -36.79 12.31 -24.63
C GLY A 73 -35.94 11.06 -24.80
N LYS A 74 -34.77 11.17 -25.43
CA LYS A 74 -33.83 10.06 -25.58
C LYS A 74 -32.57 10.21 -24.74
N THR A 75 -32.57 11.17 -23.82
CA THR A 75 -31.38 11.51 -23.01
C THR A 75 -31.80 11.44 -21.51
N PRO A 76 -31.99 10.23 -20.95
CA PRO A 76 -32.58 10.10 -19.61
C PRO A 76 -31.84 10.83 -18.48
N ARG A 77 -30.52 10.94 -18.56
CA ARG A 77 -29.78 11.64 -17.49
C ARG A 77 -30.20 13.11 -17.43
N VAL A 78 -30.37 13.72 -18.59
CA VAL A 78 -30.85 15.13 -18.64
C VAL A 78 -32.34 15.25 -18.24
N GLN A 79 -33.18 14.30 -18.64
CA GLN A 79 -34.59 14.28 -18.22
C GLN A 79 -34.67 14.17 -16.71
N SER A 80 -33.79 13.34 -16.13
CA SER A 80 -33.71 13.16 -14.68
C SER A 80 -33.39 14.48 -13.96
N MET A 81 -32.42 15.20 -14.49
CA MET A 81 -32.05 16.50 -13.89
C MET A 81 -33.24 17.46 -13.97
N LEU A 82 -33.85 17.51 -15.11
CA LEU A 82 -34.96 18.42 -15.34
C LEU A 82 -36.17 18.13 -14.47
N LEU A 83 -36.46 16.85 -14.25
CA LEU A 83 -37.55 16.50 -13.31
C LEU A 83 -37.27 16.99 -11.90
N HIS A 84 -36.06 16.73 -11.42
CA HIS A 84 -35.69 17.15 -10.08
C HIS A 84 -35.67 18.69 -9.99
N LEU A 85 -35.21 19.31 -11.06
CA LEU A 85 -35.07 20.74 -11.09
C LEU A 85 -36.45 21.39 -10.95
N ARG A 86 -37.40 20.89 -11.72
CA ARG A 86 -38.74 21.45 -11.73
C ARG A 86 -39.59 21.12 -10.53
N SER A 87 -39.19 20.15 -9.73
CA SER A 87 -39.85 19.89 -8.46
C SER A 87 -39.27 20.68 -7.30
N THR A 88 -38.24 21.49 -7.58
CA THR A 88 -37.58 22.26 -6.55
C THR A 88 -37.42 23.70 -6.98
N CYS A 89 -38.39 24.21 -7.72
CA CYS A 89 -38.30 25.58 -8.20
C CYS A 89 -39.67 26.26 -8.08
N PRO A 90 -39.70 27.61 -8.16
CA PRO A 90 -40.94 28.38 -8.06
C PRO A 90 -42.07 27.90 -8.99
N GLU A 91 -43.32 27.90 -8.49
CA GLU A 91 -44.47 27.55 -9.32
C GLU A 91 -44.49 28.35 -10.63
N GLU A 92 -44.04 29.60 -10.59
CA GLU A 92 -43.99 30.46 -11.79
C GLU A 92 -43.01 30.01 -12.85
N LEU A 93 -42.01 29.23 -12.45
CA LEU A 93 -40.99 28.75 -13.39
C LEU A 93 -41.11 27.26 -13.64
N LYS A 94 -41.85 26.52 -12.80
CA LYS A 94 -42.10 25.08 -12.99
C LYS A 94 -42.44 24.73 -14.42
N ASN A 95 -43.25 25.57 -15.04
CA ASN A 95 -43.90 25.20 -16.31
C ASN A 95 -43.11 25.59 -17.55
N LYS A 96 -42.15 26.50 -17.38
CA LYS A 96 -41.37 27.01 -18.47
C LYS A 96 -40.58 25.86 -19.06
N LYS A 97 -40.37 25.90 -20.37
CA LYS A 97 -39.45 25.02 -21.04
C LYS A 97 -38.12 25.75 -21.15
N VAL A 98 -37.08 24.98 -21.45
CA VAL A 98 -35.76 25.52 -21.49
C VAL A 98 -35.04 25.07 -22.77
N ASN A 99 -34.26 25.98 -23.35
CA ASN A 99 -33.28 25.64 -24.39
C ASN A 99 -31.92 25.54 -23.72
N ILE A 100 -31.29 24.39 -23.83
CA ILE A 100 -29.95 24.15 -23.29
C ILE A 100 -29.00 23.94 -24.45
N VAL A 101 -27.86 24.63 -24.39
CA VAL A 101 -26.85 24.55 -25.43
C VAL A 101 -25.54 24.33 -24.73
N SER A 102 -24.89 23.21 -25.04
CA SER A 102 -23.71 22.81 -24.31
C SER A 102 -22.57 22.54 -25.28
N GLU A 103 -21.37 22.95 -24.90
CA GLU A 103 -20.18 22.51 -25.66
C GLU A 103 -18.97 22.35 -24.76
N ASN A 104 -17.87 21.89 -25.33
CA ASN A 104 -16.58 21.93 -24.63
C ASN A 104 -15.47 22.06 -25.65
N ASN A 105 -14.30 22.45 -25.20
CA ASN A 105 -13.15 22.65 -26.10
C ASN A 105 -12.01 21.66 -25.83
N PHE A 106 -12.32 20.51 -25.24
CA PHE A 106 -11.29 19.52 -25.02
C PHE A 106 -10.91 18.97 -26.37
N PRO A 107 -9.61 18.75 -26.59
CA PRO A 107 -9.20 18.13 -27.86
C PRO A 107 -9.98 16.85 -28.11
N THR A 108 -10.46 16.70 -29.34
CA THR A 108 -11.25 15.53 -29.68
C THR A 108 -10.31 14.31 -29.66
N ALA A 109 -10.87 13.16 -29.26
CA ALA A 109 -10.11 11.91 -29.23
C ALA A 109 -9.19 11.76 -28.01
N ALA A 110 -9.09 12.79 -27.17
CA ALA A 110 -8.18 12.74 -26.04
C ALA A 110 -8.79 11.94 -24.86
N GLY A 111 -10.10 11.73 -24.89
CA GLY A 111 -10.76 10.90 -23.88
C GLY A 111 -10.81 11.55 -22.51
N MET A 112 -10.80 12.90 -22.45
CA MET A 112 -10.93 13.61 -21.19
C MET A 112 -12.34 13.43 -20.66
N ALA A 113 -12.49 13.50 -19.33
CA ALA A 113 -13.75 13.18 -18.66
C ALA A 113 -14.68 14.38 -18.75
N SER A 114 -14.99 14.77 -19.98
CA SER A 114 -15.71 16.00 -20.20
C SER A 114 -17.20 15.88 -19.89
N SER A 115 -17.68 14.67 -19.68
CA SER A 115 -19.07 14.51 -19.20
C SER A 115 -19.24 15.05 -17.78
N ALA A 116 -18.23 14.86 -16.94
CA ALA A 116 -18.25 15.39 -15.58
C ALA A 116 -18.41 16.91 -15.61
N SER A 117 -17.61 17.56 -16.44
CA SER A 117 -17.62 19.00 -16.51
C SER A 117 -18.92 19.50 -17.16
N GLY A 118 -19.38 18.77 -18.18
CA GLY A 118 -20.58 19.14 -18.92
C GLY A 118 -21.85 19.09 -18.09
N TYR A 119 -22.04 18.02 -17.33
CA TYR A 119 -23.20 17.93 -16.48
C TYR A 119 -23.13 18.91 -15.32
N CYS A 120 -21.93 19.15 -14.81
CA CYS A 120 -21.78 20.15 -13.75
C CYS A 120 -22.15 21.55 -14.29
N ALA A 121 -21.61 21.92 -15.44
CA ALA A 121 -21.93 23.24 -16.00
C ALA A 121 -23.43 23.36 -16.27
N MET A 122 -24.04 22.31 -16.80
CA MET A 122 -25.49 22.32 -17.07
C MET A 122 -26.32 22.42 -15.79
N SER A 123 -25.95 21.63 -14.79
CA SER A 123 -26.58 21.72 -13.46
C SER A 123 -26.59 23.16 -12.92
N ALA A 124 -25.43 23.79 -12.91
CA ALA A 124 -25.30 25.13 -12.34
C ALA A 124 -26.10 26.17 -13.15
N ALA A 125 -26.07 26.06 -14.49
CA ALA A 125 -26.82 26.98 -15.36
C ALA A 125 -28.31 26.82 -15.14
N LEU A 126 -28.79 25.58 -15.06
CA LEU A 126 -30.19 25.31 -14.89
C LEU A 126 -30.71 25.80 -13.54
N ILE A 127 -29.93 25.57 -12.50
CA ILE A 127 -30.35 25.92 -11.14
C ILE A 127 -30.48 27.45 -11.07
N ARG A 128 -29.55 28.18 -11.68
CA ARG A 128 -29.63 29.65 -11.66
C ARG A 128 -30.85 30.11 -12.42
N ALA A 129 -31.03 29.59 -13.64
CA ALA A 129 -32.14 29.99 -14.51
C ALA A 129 -33.50 29.75 -13.91
N PHE A 130 -33.68 28.61 -13.26
CA PHE A 130 -34.98 28.23 -12.70
C PHE A 130 -35.18 28.66 -11.26
N LYS A 131 -34.15 29.28 -10.68
CA LYS A 131 -34.12 29.58 -9.26
C LYS A 131 -34.53 28.40 -8.39
N SER A 132 -33.90 27.25 -8.66
CA SER A 132 -34.18 26.04 -7.94
C SER A 132 -33.46 26.06 -6.62
N THR A 133 -34.07 25.46 -5.61
CA THR A 133 -33.43 25.33 -4.32
C THR A 133 -32.42 24.19 -4.21
N THR A 134 -32.34 23.36 -5.24
CA THR A 134 -31.38 22.24 -5.24
CA THR A 134 -31.39 22.25 -5.19
C THR A 134 -29.96 22.76 -5.38
N ASN A 135 -28.97 22.03 -4.86
CA ASN A 135 -27.61 22.49 -5.01
C ASN A 135 -26.96 21.90 -6.28
N VAL A 136 -25.95 22.60 -6.76
CA VAL A 136 -25.33 22.26 -8.00
C VAL A 136 -24.86 20.82 -7.95
N SER A 137 -24.21 20.45 -6.84
CA SER A 137 -23.63 19.11 -6.73
C SER A 137 -24.67 17.99 -6.87
N MET A 138 -25.80 18.08 -6.13
CA MET A 138 -26.81 17.04 -6.19
C MET A 138 -27.54 16.93 -7.50
N LEU A 139 -27.75 18.05 -8.18
CA LEU A 139 -28.35 17.96 -9.53
C LEU A 139 -27.37 17.39 -10.55
N ALA A 140 -26.12 17.81 -10.46
CA ALA A 140 -25.06 17.34 -11.35
C ALA A 140 -24.92 15.80 -11.22
N ARG A 141 -25.06 15.29 -9.99
CA ARG A 141 -24.94 13.85 -9.65
C ARG A 141 -25.91 13.02 -10.45
N LEU A 142 -27.12 13.57 -10.64
CA LEU A 142 -28.13 12.90 -11.47
C LEU A 142 -27.73 12.69 -12.93
N GLY A 143 -26.89 13.59 -13.43
CA GLY A 143 -26.42 13.55 -14.78
C GLY A 143 -25.24 12.64 -14.88
N SER A 144 -24.27 12.78 -13.99
CA SER A 144 -23.09 11.89 -13.92
C SER A 144 -22.54 11.95 -12.50
N GLY A 145 -22.21 10.80 -11.95
CA GLY A 145 -21.72 10.81 -10.58
C GLY A 145 -20.51 11.71 -10.39
N SER A 146 -19.52 11.58 -11.25
CA SER A 146 -18.30 12.38 -11.05
C SER A 146 -18.56 13.88 -11.27
N ALA A 147 -19.65 14.25 -11.97
CA ALA A 147 -19.99 15.69 -12.16
C ALA A 147 -20.22 16.36 -10.83
N CYS A 148 -20.75 15.63 -9.88
CA CYS A 148 -21.05 16.22 -8.60
C CYS A 148 -19.81 16.78 -7.88
N ARG A 149 -18.60 16.32 -8.23
CA ARG A 149 -17.43 16.81 -7.54
C ARG A 149 -16.81 18.05 -8.19
N SER A 150 -17.27 18.42 -9.39
CA SER A 150 -16.78 19.61 -10.05
C SER A 150 -17.46 20.91 -9.54
N ALA A 151 -18.39 20.77 -8.60
CA ALA A 151 -19.18 21.88 -8.09
C ALA A 151 -18.37 22.84 -7.23
N PHE A 152 -17.20 22.39 -6.75
CA PHE A 152 -16.37 23.14 -5.85
C PHE A 152 -14.96 23.07 -6.36
N GLY A 153 -14.21 24.12 -6.03
CA GLY A 153 -12.75 24.14 -6.23
C GLY A 153 -12.06 23.29 -5.19
N GLY A 154 -10.78 23.02 -5.42
CA GLY A 154 -9.98 22.40 -4.42
C GLY A 154 -10.01 20.89 -4.37
N PHE A 155 -10.01 20.35 -3.15
CA PHE A 155 -10.09 18.90 -2.91
C PHE A 155 -11.52 18.63 -2.45
N VAL A 156 -12.21 17.72 -3.12
CA VAL A 156 -13.64 17.55 -2.96
C VAL A 156 -13.95 16.09 -2.67
N ILE A 157 -14.75 15.87 -1.63
CA ILE A 157 -15.29 14.56 -1.29
C ILE A 157 -16.71 14.38 -1.80
N TRP A 158 -16.98 13.29 -2.50
CA TRP A 158 -18.34 12.90 -2.76
C TRP A 158 -18.71 11.98 -1.61
N ASN A 159 -19.55 12.48 -0.72
CA ASN A 159 -20.10 11.72 0.39
C ASN A 159 -21.18 10.76 -0.12
N LYS A 160 -21.01 9.46 0.13
CA LYS A 160 -21.97 8.47 -0.38
C LYS A 160 -23.37 8.59 0.16
N GLY A 161 -23.49 9.09 1.40
CA GLY A 161 -24.79 9.19 2.05
C GLY A 161 -25.32 7.83 2.47
N GLU A 162 -26.38 7.88 3.24
CA GLU A 162 -27.06 6.65 3.63
C GLU A 162 -28.57 6.66 3.33
N LYS A 163 -29.10 7.78 2.86
CA LYS A 163 -30.54 7.90 2.62
C LYS A 163 -30.92 7.43 1.23
N PRO A 164 -31.89 6.49 1.17
CA PRO A 164 -32.32 5.96 -0.12
C PRO A 164 -32.84 6.97 -1.11
N ASP A 165 -33.29 8.14 -0.63
CA ASP A 165 -33.72 9.19 -1.56
C ASP A 165 -32.60 10.07 -2.11
N GLY A 166 -31.38 9.87 -1.63
CA GLY A 166 -30.21 10.57 -2.16
C GLY A 166 -29.98 11.95 -1.54
N SER A 167 -30.80 12.32 -0.55
CA SER A 167 -30.78 13.68 0.02
C SER A 167 -29.51 14.01 0.80
N ASP A 168 -28.69 13.00 1.13
CA ASP A 168 -27.39 13.23 1.73
C ASP A 168 -26.22 12.74 0.84
N CYS A 169 -26.52 12.42 -0.41
CA CYS A 169 -25.49 11.95 -1.33
C CYS A 169 -25.00 13.17 -2.15
N VAL A 170 -23.88 13.74 -1.71
CA VAL A 170 -23.51 15.07 -2.16
C VAL A 170 -22.03 15.29 -1.97
N ALA A 171 -21.45 16.21 -2.75
CA ALA A 171 -20.04 16.51 -2.65
C ALA A 171 -19.90 17.68 -1.67
N THR A 172 -18.79 17.66 -0.94
CA THR A 172 -18.43 18.79 -0.11
C THR A 172 -16.96 19.15 -0.30
N GLN A 173 -16.64 20.42 -0.18
CA GLN A 173 -15.27 20.86 -0.35
C GLN A 173 -14.51 20.47 0.90
N PHE A 174 -13.42 19.74 0.75
CA PHE A 174 -12.61 19.38 1.87
C PHE A 174 -11.67 20.52 2.26
N VAL A 175 -10.87 20.95 1.30
CA VAL A 175 -10.12 22.17 1.35
C VAL A 175 -10.19 22.85 0.05
N ASP A 176 -10.00 24.18 0.06
CA ASP A 176 -10.11 24.91 -1.19
C ASP A 176 -8.76 24.97 -1.89
N GLU A 177 -8.77 25.64 -3.02
CA GLU A 177 -7.60 25.75 -3.89
C GLU A 177 -6.45 26.49 -3.26
N THR A 178 -6.70 27.28 -2.24
CA THR A 178 -5.62 27.97 -1.56
C THR A 178 -4.85 27.13 -0.54
N HIS A 179 -5.33 25.95 -0.19
CA HIS A 179 -4.76 25.18 0.90
C HIS A 179 -3.36 24.70 0.54
N TRP A 180 -3.18 24.15 -0.65
CA TRP A 180 -1.92 23.48 -1.01
C TRP A 180 -1.53 23.90 -2.41
N PRO A 181 -1.12 25.17 -2.57
CA PRO A 181 -0.86 25.70 -3.90
C PRO A 181 0.32 25.03 -4.62
N GLU A 182 1.19 24.35 -3.86
CA GLU A 182 2.31 23.65 -4.46
C GLU A 182 1.91 22.45 -5.32
N ILE A 183 0.81 21.83 -4.98
CA ILE A 183 0.45 20.57 -5.69
C ILE A 183 -0.07 20.91 -7.08
N GLN A 184 0.41 20.13 -8.06
CA GLN A 184 0.09 20.38 -9.45
C GLN A 184 -0.42 19.11 -10.05
N VAL A 185 -1.25 19.23 -11.08
CA VAL A 185 -1.82 18.06 -11.76
C VAL A 185 -1.39 18.09 -13.22
N MET A 186 -1.02 16.94 -13.77
CA MET A 186 -0.83 16.85 -15.22
C MET A 186 -1.63 15.72 -15.76
N CYS A 187 -1.89 15.75 -17.06
CA CYS A 187 -2.49 14.60 -17.73
C CYS A 187 -1.63 14.33 -18.99
N ALA A 188 -0.99 13.18 -19.01
CA ALA A 188 -0.32 12.66 -20.19
C ALA A 188 -1.33 11.84 -20.99
N VAL A 189 -1.85 12.46 -22.03
CA VAL A 189 -2.82 11.83 -22.88
C VAL A 189 -2.20 10.78 -23.77
N LEU A 190 -2.77 9.58 -23.70
CA LEU A 190 -2.33 8.42 -24.44
C LEU A 190 -3.43 7.88 -25.35
N LYS A 191 -3.04 7.14 -26.40
CA LYS A 191 -4.04 6.57 -27.28
C LYS A 191 -4.81 5.54 -26.49
N GLY A 192 -6.11 5.45 -26.71
CA GLY A 192 -6.94 4.54 -25.97
C GLY A 192 -6.77 3.09 -26.39
N ALA A 193 -7.23 2.23 -25.51
CA ALA A 193 -7.22 0.81 -25.75
C ALA A 193 -8.34 0.50 -26.73
N GLN A 194 -8.37 -0.73 -27.19
CA GLN A 194 -9.54 -1.22 -27.88
C GLN A 194 -10.75 -0.83 -27.06
N LYS A 195 -11.81 -0.39 -27.74
CA LYS A 195 -13.06 0.00 -27.09
C LYS A 195 -13.53 -1.11 -26.19
N ASP A 196 -13.95 -0.73 -24.99
CA ASP A 196 -14.50 -1.68 -24.01
C ASP A 196 -15.80 -1.06 -23.44
N VAL A 197 -16.43 -1.74 -22.48
CA VAL A 197 -17.74 -1.29 -21.96
C VAL A 197 -17.63 0.11 -21.38
N SER A 198 -18.75 0.83 -21.37
CA SER A 198 -18.78 2.14 -20.73
C SER A 198 -18.50 2.01 -19.24
N SER A 199 -18.01 3.09 -18.64
CA SER A 199 -17.80 3.16 -17.19
C SER A 199 -19.09 2.84 -16.44
N THR A 200 -20.22 3.40 -16.91
CA THR A 200 -21.49 3.17 -16.23
C THR A 200 -21.85 1.67 -16.19
N LYS A 201 -21.76 1.02 -17.33
CA LYS A 201 -22.02 -0.41 -17.37
C LYS A 201 -20.94 -1.23 -16.68
N GLY A 202 -19.66 -0.89 -16.95
CA GLY A 202 -18.55 -1.67 -16.40
C GLY A 202 -18.53 -1.70 -14.88
N MET A 203 -18.82 -0.56 -14.27
CA MET A 203 -18.71 -0.48 -12.83
C MET A 203 -19.72 -1.41 -12.15
N GLN A 204 -20.89 -1.54 -12.75
CA GLN A 204 -21.86 -2.48 -12.17
C GLN A 204 -21.43 -3.94 -12.47
N GLN A 205 -20.79 -4.17 -13.59
CA GLN A 205 -20.28 -5.51 -13.87
C GLN A 205 -19.21 -5.87 -12.86
N SER A 206 -18.34 -4.92 -12.52
CA SER A 206 -17.35 -5.13 -11.44
C SER A 206 -18.01 -5.42 -10.11
N LEU A 207 -19.05 -4.69 -9.77
CA LEU A 207 -19.70 -4.88 -8.52
C LEU A 207 -20.30 -6.25 -8.46
N LYS A 208 -20.84 -6.72 -9.58
CA LYS A 208 -21.45 -8.06 -9.67
C LYS A 208 -20.43 -9.21 -9.61
N THR A 209 -19.26 -9.02 -10.21
CA THR A 209 -18.35 -10.13 -10.51
C THR A 209 -16.93 -10.08 -9.96
N SER A 210 -16.40 -8.89 -9.68
CA SER A 210 -15.02 -8.82 -9.18
C SER A 210 -14.94 -9.28 -7.75
N PRO A 211 -14.05 -10.24 -7.46
CA PRO A 211 -13.99 -10.67 -6.06
C PRO A 211 -13.40 -9.63 -5.15
N LEU A 212 -12.88 -8.53 -5.72
CA LEU A 212 -12.18 -7.51 -4.91
C LEU A 212 -13.04 -6.38 -4.34
N MET A 213 -14.28 -6.28 -4.80
CA MET A 213 -15.15 -5.16 -4.46
C MET A 213 -15.65 -5.17 -3.02
N LYS A 214 -15.95 -6.34 -2.45
CA LYS A 214 -16.46 -6.38 -1.09
C LYS A 214 -15.57 -5.73 -0.04
N LYS A 215 -14.28 -6.11 -0.06
CA LYS A 215 -13.30 -5.61 0.88
C LYS A 215 -13.01 -4.15 0.57
N ARG A 216 -13.04 -3.81 -0.71
CA ARG A 216 -12.82 -2.38 -1.11
C ARG A 216 -13.84 -1.44 -0.45
N ILE A 217 -15.11 -1.81 -0.54
CA ILE A 217 -16.20 -1.01 -0.07
C ILE A 217 -16.24 -1.01 1.44
N SER A 218 -16.03 -2.18 2.02
CA SER A 218 -16.19 -2.30 3.45
C SER A 218 -15.01 -1.75 4.24
N GLU A 219 -13.80 -2.02 3.79
CA GLU A 219 -12.60 -1.71 4.55
C GLU A 219 -11.72 -0.65 3.87
N THR A 220 -11.44 -0.80 2.60
CA THR A 220 -10.27 -0.11 2.02
C THR A 220 -10.60 1.37 1.82
N VAL A 221 -11.74 1.64 1.19
CA VAL A 221 -12.04 3.08 0.92
C VAL A 221 -12.17 3.84 2.22
N PRO A 222 -12.94 3.34 3.19
CA PRO A 222 -12.94 4.05 4.46
C PRO A 222 -11.54 4.33 5.09
N GLU A 223 -10.64 3.36 5.03
CA GLU A 223 -9.25 3.50 5.50
C GLU A 223 -8.58 4.64 4.69
N ARG A 224 -8.69 4.60 3.37
CA ARG A 224 -7.92 5.53 2.54
C ARG A 224 -8.50 6.95 2.58
N MET A 225 -9.81 7.08 2.75
CA MET A 225 -10.43 8.40 2.97
C MET A 225 -9.85 9.08 4.22
N LYS A 226 -9.68 8.32 5.29
CA LYS A 226 -9.06 8.87 6.51
C LYS A 226 -7.60 9.27 6.29
N ILE A 227 -6.83 8.41 5.63
CA ILE A 227 -5.40 8.64 5.43
C ILE A 227 -5.23 9.82 4.47
N ALA A 228 -5.96 9.84 3.36
CA ALA A 228 -5.87 10.99 2.42
C ALA A 228 -6.26 12.33 3.06
N SER A 229 -7.33 12.33 3.83
CA SER A 229 -7.79 13.54 4.50
C SER A 229 -6.69 14.12 5.42
N ARG A 230 -6.12 13.26 6.26
CA ARG A 230 -4.98 13.65 7.11
C ARG A 230 -3.82 14.13 6.29
N ALA A 231 -3.48 13.43 5.20
CA ALA A 231 -2.33 13.83 4.37
C ALA A 231 -2.57 15.18 3.69
N ILE A 232 -3.80 15.44 3.26
CA ILE A 232 -4.08 16.70 2.53
C ILE A 232 -4.07 17.84 3.52
N LYS A 233 -4.65 17.62 4.69
CA LYS A 233 -4.56 18.63 5.76
C LYS A 233 -3.14 18.96 6.13
N ALA A 234 -2.28 17.94 6.21
CA ALA A 234 -0.87 18.11 6.55
C ALA A 234 0.03 18.49 5.39
N ARG A 235 -0.48 18.50 4.16
CA ARG A 235 0.31 18.69 2.94
C ARG A 235 1.46 17.72 2.88
N ASP A 236 1.15 16.43 3.11
CA ASP A 236 2.11 15.34 3.12
C ASP A 236 2.02 14.69 1.72
N PHE A 237 2.86 15.15 0.80
CA PHE A 237 2.73 14.71 -0.56
C PHE A 237 2.98 13.23 -0.71
N ALA A 238 4.04 12.72 -0.07
CA ALA A 238 4.35 11.30 -0.23
C ALA A 238 3.19 10.36 0.14
N THR A 239 2.52 10.62 1.27
CA THR A 239 1.38 9.81 1.70
C THR A 239 0.24 9.97 0.72
N PHE A 240 0.00 11.20 0.32
CA PHE A 240 -1.05 11.46 -0.68
C PHE A 240 -0.78 10.68 -1.97
N ALA A 241 0.46 10.78 -2.44
CA ALA A 241 0.90 10.14 -3.68
C ALA A 241 0.77 8.61 -3.62
N GLU A 242 1.16 8.06 -2.50
CA GLU A 242 1.02 6.64 -2.26
C GLU A 242 -0.43 6.14 -2.30
N ILE A 243 -1.34 6.86 -1.66
CA ILE A 243 -2.78 6.54 -1.73
C ILE A 243 -3.24 6.60 -3.16
N ALA A 244 -2.87 7.67 -3.88
CA ALA A 244 -3.36 7.81 -5.25
C ALA A 244 -2.93 6.62 -6.15
N MET A 245 -1.68 6.17 -5.99
CA MET A 245 -1.17 5.06 -6.80
C MET A 245 -1.79 3.73 -6.36
N LEU A 246 -2.03 3.57 -5.06
CA LEU A 246 -2.71 2.35 -4.59
C LEU A 246 -4.11 2.27 -5.13
N GLU A 247 -4.80 3.38 -5.15
CA GLU A 247 -6.16 3.43 -5.65
C GLU A 247 -6.22 3.16 -7.13
N SER A 248 -5.30 3.76 -7.87
CA SER A 248 -5.22 3.53 -9.30
C SER A 248 -4.94 2.09 -9.61
N ASP A 249 -3.96 1.52 -8.91
CA ASP A 249 -3.64 0.09 -9.09
C ASP A 249 -4.86 -0.76 -8.82
N ASP A 250 -5.58 -0.45 -7.75
CA ASP A 250 -6.74 -1.26 -7.34
C ASP A 250 -7.87 -1.23 -8.37
N LEU A 251 -8.16 -0.06 -8.95
CA LEU A 251 -9.19 0.01 -9.97
C LEU A 251 -8.80 -0.80 -11.20
N GLN A 252 -7.51 -0.77 -11.57
CA GLN A 252 -7.09 -1.58 -12.71
C GLN A 252 -7.23 -3.09 -12.35
N GLU A 253 -6.94 -3.46 -11.12
CA GLU A 253 -7.06 -4.86 -10.71
C GLU A 253 -8.51 -5.27 -10.64
N ILE A 254 -9.36 -4.37 -10.16
CA ILE A 254 -10.81 -4.62 -10.17
C ILE A 254 -11.30 -4.89 -11.57
N CYS A 255 -10.92 -4.04 -12.51
CA CYS A 255 -11.31 -4.21 -13.90
C CYS A 255 -10.78 -5.56 -14.43
N ALA A 256 -9.55 -5.91 -14.10
CA ALA A 256 -8.92 -7.13 -14.63
C ALA A 256 -9.60 -8.40 -14.08
N THR A 257 -10.21 -8.33 -12.90
CA THR A 257 -10.88 -9.43 -12.24
C THR A 257 -12.42 -9.37 -12.35
N THR A 258 -12.89 -8.47 -13.20
CA THR A 258 -14.29 -8.39 -13.59
C THR A 258 -14.51 -9.47 -14.64
N GLU A 259 -15.75 -9.97 -14.71
CA GLU A 259 -16.12 -10.98 -15.73
C GLU A 259 -17.31 -10.54 -16.55
N PRO A 260 -17.14 -10.33 -17.86
CA PRO A 260 -15.91 -10.38 -18.67
C PRO A 260 -14.91 -9.31 -18.24
N LYS A 261 -13.62 -9.58 -18.48
CA LYS A 261 -12.55 -8.66 -18.12
C LYS A 261 -12.75 -7.31 -18.81
N ILE A 262 -12.43 -6.27 -18.05
CA ILE A 262 -12.48 -4.90 -18.54
C ILE A 262 -11.05 -4.38 -18.60
N THR A 263 -10.67 -3.81 -19.75
CA THR A 263 -9.33 -3.28 -19.95
C THR A 263 -9.42 -1.89 -20.54
N TYR A 264 -8.99 -0.89 -19.76
CA TYR A 264 -8.89 0.43 -20.29
C TYR A 264 -7.44 0.86 -20.53
N ALA A 265 -6.51 0.22 -19.82
CA ALA A 265 -5.08 0.56 -19.92
C ALA A 265 -4.46 -0.07 -21.15
N THR A 266 -3.48 0.61 -21.72
CA THR A 266 -2.67 0.09 -22.81
C THR A 266 -1.27 -0.17 -22.29
N GLU A 267 -0.39 -0.67 -23.15
CA GLU A 267 0.98 -0.88 -22.65
C GLU A 267 1.68 0.47 -22.40
N ASP A 268 1.24 1.51 -23.10
CA ASP A 268 1.76 2.86 -22.79
C ASP A 268 1.40 3.27 -21.37
N SER A 269 0.14 3.03 -20.98
CA SER A 269 -0.29 3.21 -19.58
C SER A 269 0.64 2.49 -18.61
N TYR A 270 0.88 1.21 -18.86
CA TYR A 270 1.70 0.40 -17.99
C TYR A 270 3.14 0.84 -17.98
N ALA A 271 3.63 1.30 -19.14
CA ALA A 271 4.99 1.84 -19.16
C ALA A 271 5.07 3.12 -18.29
N MET A 272 4.04 3.94 -18.33
CA MET A 272 3.99 5.15 -17.49
C MET A 272 4.04 4.79 -16.03
N ILE A 273 3.35 3.71 -15.64
CA ILE A 273 3.38 3.29 -14.26
C ILE A 273 4.82 2.88 -13.91
N ARG A 274 5.44 2.05 -14.76
CA ARG A 274 6.81 1.64 -14.52
C ARG A 274 7.77 2.81 -14.42
N LEU A 275 7.58 3.80 -15.30
CA LEU A 275 8.44 4.99 -15.34
C LEU A 275 8.33 5.83 -14.07
N VAL A 276 7.12 6.09 -13.63
CA VAL A 276 6.94 6.85 -12.40
C VAL A 276 7.62 6.11 -11.26
N LYS A 277 7.38 4.80 -11.17
CA LYS A 277 7.98 4.01 -10.10
C LYS A 277 9.50 4.05 -10.13
N ALA A 278 10.06 3.92 -11.33
CA ALA A 278 11.52 3.91 -11.53
C ALA A 278 12.12 5.28 -11.20
N TYR A 279 11.40 6.34 -11.53
CA TYR A 279 11.83 7.69 -11.18
C TYR A 279 11.87 7.88 -9.68
N ASN A 280 10.82 7.50 -9.00
CA ASN A 280 10.72 7.70 -7.57
C ASN A 280 11.83 6.87 -6.92
N ALA A 281 12.05 5.68 -7.45
CA ALA A 281 13.12 4.79 -6.93
C ALA A 281 14.50 5.47 -7.03
N LYS A 282 14.77 6.10 -8.18
CA LYS A 282 16.05 6.80 -8.42
C LYS A 282 16.17 8.05 -7.59
N LYS A 283 15.07 8.72 -7.37
CA LYS A 283 15.04 9.91 -6.54
C LYS A 283 15.19 9.56 -5.08
N GLY A 284 14.80 8.34 -4.69
CA GLY A 284 14.82 7.98 -3.30
C GLY A 284 13.63 8.49 -2.50
N ARG A 285 12.61 8.96 -3.20
CA ARG A 285 11.40 9.39 -2.55
C ARG A 285 10.27 9.39 -3.57
N THR A 286 9.07 9.46 -3.04
CA THR A 286 7.86 9.54 -3.87
C THR A 286 7.68 11.02 -4.29
N ALA A 287 8.30 11.35 -5.42
CA ALA A 287 8.23 12.68 -5.98
C ALA A 287 7.05 12.87 -6.94
N LEU A 288 6.52 11.77 -7.46
CA LEU A 288 5.61 11.82 -8.62
C LEU A 288 4.59 10.71 -8.41
N ALA A 289 3.31 11.02 -8.63
CA ALA A 289 2.25 10.03 -8.53
C ALA A 289 1.49 9.96 -9.82
N TYR A 290 1.03 8.74 -10.16
CA TYR A 290 0.14 8.50 -11.30
C TYR A 290 -1.27 8.17 -10.78
N THR A 291 -2.27 8.43 -11.62
CA THR A 291 -3.56 7.82 -11.48
C THR A 291 -4.19 7.68 -12.86
N PHE A 292 -4.88 6.57 -13.07
CA PHE A 292 -5.70 6.33 -14.23
C PHE A 292 -7.14 6.23 -13.79
N ASP A 293 -8.06 6.73 -14.62
CA ASP A 293 -9.50 6.73 -14.31
C ASP A 293 -10.35 6.09 -15.44
N ALA A 294 -10.30 4.79 -15.62
CA ALA A 294 -11.21 4.16 -16.62
C ALA A 294 -10.86 4.59 -18.05
N GLY A 295 -9.57 4.70 -18.28
CA GLY A 295 -9.06 5.11 -19.57
C GLY A 295 -7.57 4.90 -19.55
N ALA A 296 -6.93 5.21 -20.67
CA ALA A 296 -5.52 4.99 -20.82
C ALA A 296 -4.69 6.20 -20.36
N ASN A 297 -5.29 7.37 -20.26
CA ASN A 297 -4.53 8.59 -19.94
C ASN A 297 -3.99 8.50 -18.54
N CYS A 298 -2.78 9.02 -18.36
CA CYS A 298 -2.12 9.02 -17.10
C CYS A 298 -2.15 10.41 -16.47
N PHE A 299 -2.91 10.52 -15.41
CA PHE A 299 -2.90 11.74 -14.60
C PHE A 299 -1.70 11.65 -13.71
N LEU A 300 -1.10 12.79 -13.39
CA LEU A 300 0.11 12.79 -12.56
C LEU A 300 -0.08 13.87 -11.55
N PHE A 301 0.39 13.62 -10.34
CA PHE A 301 0.43 14.65 -9.31
C PHE A 301 1.88 14.86 -8.94
N VAL A 302 2.26 16.11 -8.74
CA VAL A 302 3.64 16.45 -8.46
C VAL A 302 3.64 17.82 -7.81
N LEU A 303 4.58 18.08 -6.91
CA LEU A 303 4.72 19.46 -6.39
C LEU A 303 5.37 20.34 -7.42
N LYS A 304 5.02 21.64 -7.42
CA LYS A 304 5.57 22.60 -8.38
C LYS A 304 7.10 22.58 -8.51
N GLU A 305 7.80 22.60 -7.38
CA GLU A 305 9.27 22.52 -7.35
C GLU A 305 9.84 21.31 -8.12
N ASP A 306 9.09 20.21 -8.13
CA ASP A 306 9.56 18.98 -8.72
C ASP A 306 9.08 18.81 -10.15
N LEU A 307 8.21 19.68 -10.63
CA LEU A 307 7.53 19.42 -11.88
C LEU A 307 8.49 19.51 -13.07
N PRO A 308 9.34 20.55 -13.15
CA PRO A 308 10.22 20.62 -14.34
C PRO A 308 11.06 19.41 -14.56
N GLU A 309 11.68 18.89 -13.50
CA GLU A 309 12.50 17.68 -13.65
C GLU A 309 11.64 16.52 -14.07
N ALA A 310 10.48 16.39 -13.42
CA ALA A 310 9.57 15.29 -13.75
C ALA A 310 9.18 15.30 -15.24
N VAL A 311 8.82 16.46 -15.77
CA VAL A 311 8.42 16.60 -17.14
C VAL A 311 9.62 16.35 -18.07
N ALA A 312 10.80 16.85 -17.70
CA ALA A 312 12.04 16.55 -18.47
C ALA A 312 12.28 15.04 -18.55
N MET A 313 12.10 14.37 -17.42
CA MET A 313 12.27 12.90 -17.33
C MET A 313 11.28 12.23 -18.25
N LEU A 314 10.00 12.64 -18.19
CA LEU A 314 9.01 12.08 -19.14
C LEU A 314 9.40 12.22 -20.61
N MET A 315 9.94 13.37 -21.00
CA MET A 315 10.30 13.66 -22.41
C MET A 315 11.43 12.82 -22.95
N GLU A 316 12.26 12.33 -22.05
CA GLU A 316 13.31 11.41 -22.44
C GLU A 316 12.73 10.07 -22.91
N HIS A 317 11.56 9.72 -22.40
CA HIS A 317 10.95 8.41 -22.66
C HIS A 317 9.79 8.52 -23.60
N PHE A 318 9.07 9.63 -23.49
CA PHE A 318 7.91 9.92 -24.38
C PHE A 318 8.10 11.31 -24.99
N PRO A 319 9.05 11.45 -25.95
CA PRO A 319 9.39 12.76 -26.47
C PRO A 319 8.21 13.37 -27.17
N THR A 320 7.78 14.51 -26.68
CA THR A 320 6.57 15.15 -27.11
C THR A 320 6.87 16.62 -27.45
N PRO A 321 6.46 17.04 -28.64
CA PRO A 321 6.74 18.44 -29.02
C PRO A 321 6.01 19.46 -28.13
N PHE A 322 6.60 20.64 -27.92
CA PHE A 322 5.98 21.64 -27.01
C PHE A 322 4.67 22.15 -27.52
N GLU A 323 4.48 22.08 -28.82
CA GLU A 323 3.21 22.41 -29.42
C GLU A 323 2.04 21.58 -28.83
N LYS A 324 2.35 20.42 -28.25
CA LYS A 324 1.33 19.53 -27.69
C LYS A 324 1.24 19.63 -26.14
N PHE A 325 1.98 20.57 -25.58
CA PHE A 325 1.89 20.94 -24.17
C PHE A 325 0.80 21.99 -24.00
N PHE A 326 -0.08 21.79 -23.03
CA PHE A 326 -1.11 22.74 -22.73
C PHE A 326 -0.99 23.08 -21.24
N PHE A 327 -0.19 24.07 -20.91
CA PHE A 327 0.11 24.40 -19.53
C PHE A 327 -0.70 25.62 -19.10
N GLY A 328 -1.45 25.51 -18.03
CA GLY A 328 -2.11 26.68 -17.42
C GLY A 328 -1.07 27.69 -16.94
N ASP A 329 0.10 27.19 -16.51
CA ASP A 329 1.15 28.02 -15.90
C ASP A 329 2.32 28.23 -16.89
N ARG A 330 2.38 29.38 -17.57
CA ARG A 330 3.38 29.67 -18.59
C ARG A 330 4.79 29.70 -17.99
N GLU A 331 4.94 30.28 -16.85
CA GLU A 331 6.24 30.39 -16.25
C GLU A 331 6.79 29.00 -15.94
N LEU A 332 5.92 28.09 -15.55
CA LEU A 332 6.33 26.77 -15.21
C LEU A 332 6.80 26.04 -16.48
N LEU A 333 6.08 26.25 -17.57
CA LEU A 333 6.48 25.72 -18.85
C LEU A 333 7.88 26.21 -19.28
N GLU A 334 8.14 27.49 -19.05
CA GLU A 334 9.43 28.01 -19.40
C GLU A 334 10.53 27.36 -18.57
N LYS A 335 10.22 27.03 -17.32
CA LYS A 335 11.17 26.31 -16.48
C LYS A 335 11.44 24.88 -16.98
N VAL A 336 10.43 24.19 -17.50
CA VAL A 336 10.66 22.87 -18.10
C VAL A 336 11.70 22.96 -19.22
N LYS A 337 11.61 24.03 -20.01
CA LYS A 337 12.46 24.17 -21.19
C LYS A 337 13.93 24.34 -20.88
N VAL A 338 14.28 24.80 -19.68
CA VAL A 338 15.68 25.00 -19.37
C VAL A 338 16.28 23.88 -18.50
N VAL A 339 15.48 22.87 -18.12
CA VAL A 339 16.04 21.79 -17.32
C VAL A 339 17.16 21.07 -18.05
N SER A 340 18.26 20.82 -17.33
CA SER A 340 19.28 19.94 -17.79
C SER A 340 19.11 18.62 -17.03
N LEU A 341 18.51 17.64 -17.66
CA LEU A 341 18.12 16.42 -16.95
C LEU A 341 19.36 15.59 -16.65
N PRO A 342 19.57 15.23 -15.40
CA PRO A 342 20.64 14.31 -15.04
C PRO A 342 20.56 12.99 -15.76
N ASP A 343 21.73 12.44 -16.09
CA ASP A 343 21.78 11.20 -16.84
C ASP A 343 21.09 10.06 -16.12
N GLU A 344 21.09 10.06 -14.79
CA GLU A 344 20.44 9.04 -13.97
C GLU A 344 18.95 8.87 -14.29
N TYR A 345 18.33 9.89 -14.86
CA TYR A 345 16.88 9.80 -15.11
C TYR A 345 16.56 9.52 -16.55
N LYS A 346 17.57 9.12 -17.32
CA LYS A 346 17.37 8.73 -18.69
C LYS A 346 17.40 7.20 -18.64
N LYS A 347 16.70 6.59 -19.57
CA LYS A 347 16.62 5.15 -19.70
C LYS A 347 16.23 4.50 -18.37
N LEU A 348 15.11 4.92 -17.81
CA LEU A 348 14.63 4.35 -16.56
C LEU A 348 13.82 3.08 -16.80
N ILE A 349 13.21 3.02 -17.98
CA ILE A 349 12.44 1.85 -18.43
C ILE A 349 12.85 1.52 -19.85
N ASP A 350 12.44 0.32 -20.26
CA ASP A 350 12.55 -0.14 -21.63
C ASP A 350 11.15 -0.07 -22.26
N HIS A 351 10.94 0.88 -23.16
CA HIS A 351 9.67 1.01 -23.85
C HIS A 351 9.92 1.83 -25.10
N PRO A 352 9.22 1.51 -26.21
CA PRO A 352 9.38 2.35 -27.40
C PRO A 352 9.08 3.85 -27.20
N LYS A 353 9.95 4.70 -27.71
CA LYS A 353 9.72 6.15 -27.60
C LYS A 353 8.61 6.58 -28.56
N LYS A 354 7.67 7.33 -28.00
CA LYS A 354 6.60 7.95 -28.78
C LYS A 354 6.10 9.17 -28.02
N PRO A 355 5.51 10.13 -28.74
CA PRO A 355 4.97 11.28 -28.03
C PRO A 355 3.67 10.95 -27.30
N PHE A 356 3.40 11.67 -26.22
CA PHE A 356 2.02 11.77 -25.74
C PHE A 356 1.17 12.43 -26.82
N GLU A 357 -0.13 12.20 -26.76
CA GLU A 357 -1.05 12.91 -27.63
C GLU A 357 -1.04 14.38 -27.21
N MET A 358 -0.90 14.63 -25.91
CA MET A 358 -0.76 15.97 -25.38
C MET A 358 -0.38 15.84 -23.94
N LEU A 359 0.12 16.90 -23.38
CA LEU A 359 0.44 16.98 -21.96
C LEU A 359 -0.17 18.23 -21.36
N LEU A 360 -1.13 18.02 -20.46
CA LEU A 360 -1.90 19.09 -19.84
C LEU A 360 -1.27 19.37 -18.50
N GLN A 361 -1.16 20.63 -18.12
CA GLN A 361 -0.81 20.96 -16.73
C GLN A 361 -1.84 21.90 -16.15
N SER A 362 -2.20 21.65 -14.89
CA SER A 362 -3.14 22.50 -14.16
C SER A 362 -2.73 22.62 -12.71
N PRO A 363 -2.94 23.81 -12.10
CA PRO A 363 -2.96 23.91 -10.65
C PRO A 363 -4.28 23.34 -10.12
N VAL A 364 -4.48 23.32 -8.80
CA VAL A 364 -5.77 22.98 -8.22
C VAL A 364 -6.72 24.09 -8.59
N GLY A 365 -7.86 23.74 -9.15
CA GLY A 365 -8.79 24.73 -9.72
C GLY A 365 -9.81 25.31 -8.75
N CYS A 366 -10.48 26.41 -9.15
CA CYS A 366 -11.44 27.14 -8.30
CA CYS A 366 -11.42 27.07 -8.23
C CYS A 366 -12.89 26.68 -8.45
N GLY A 367 -13.20 25.89 -9.47
CA GLY A 367 -14.57 25.38 -9.66
C GLY A 367 -15.40 26.13 -10.71
N VAL A 368 -16.71 26.18 -10.53
CA VAL A 368 -17.56 26.71 -11.63
C VAL A 368 -17.55 28.23 -11.69
N LYS A 369 -17.75 28.76 -12.89
CA LYS A 369 -17.73 30.20 -13.13
C LYS A 369 -19.01 30.54 -13.87
N TYR A 370 -19.68 31.63 -13.48
CA TYR A 370 -20.88 32.12 -14.17
C TYR A 370 -20.39 33.23 -15.06
N LEU A 371 -20.80 33.21 -16.31
CA LEU A 371 -20.31 34.14 -17.32
C LEU A 371 -21.38 35.14 -17.73
N GLY A 372 -20.95 36.15 -18.48
CA GLY A 372 -21.84 37.21 -18.85
C GLY A 372 -22.52 36.93 -20.15
N PRO A 373 -23.64 37.65 -20.39
CA PRO A 373 -24.43 37.55 -21.60
C PRO A 373 -23.62 37.57 -22.89
N SER A 374 -22.43 38.16 -22.84
CA SER A 374 -21.53 38.24 -23.99
C SER A 374 -21.01 36.88 -24.46
N GLU A 375 -20.82 35.99 -23.49
CA GLU A 375 -20.19 34.70 -23.69
C GLU A 375 -21.20 33.58 -23.96
N SER A 376 -22.47 33.94 -24.04
CA SER A 376 -23.51 32.97 -24.22
C SER A 376 -23.39 32.22 -25.53
N LEU A 377 -23.80 30.96 -25.51
CA LEU A 377 -23.85 30.12 -26.70
C LEU A 377 -25.19 30.27 -27.38
N ILE A 378 -26.05 31.09 -26.77
CA ILE A 378 -27.40 31.34 -27.23
C ILE A 378 -27.41 32.82 -27.66
N PRO A 379 -27.59 33.07 -28.97
CA PRO A 379 -27.60 34.44 -29.47
C PRO A 379 -28.92 35.15 -29.17
N PRO A 380 -28.88 36.49 -29.07
CA PRO A 380 -30.12 37.24 -28.92
C PRO A 380 -30.93 37.16 -30.22
N GLN B 4 28.10 -20.81 38.94
CA GLN B 4 28.19 -22.03 38.10
C GLN B 4 27.99 -21.76 36.61
N CYS B 5 27.90 -22.84 35.83
CA CYS B 5 27.40 -22.86 34.44
C CYS B 5 26.06 -22.10 34.29
N VAL B 6 25.86 -21.46 33.14
CA VAL B 6 24.61 -20.71 32.88
C VAL B 6 23.89 -21.29 31.68
N THR B 7 22.58 -21.52 31.79
CA THR B 7 21.78 -22.08 30.69
C THR B 7 20.65 -21.12 30.38
N VAL B 8 20.41 -20.88 29.10
CA VAL B 8 19.41 -19.91 28.66
C VAL B 8 18.66 -20.50 27.49
N GLU B 9 17.35 -20.21 27.39
CA GLU B 9 16.66 -20.48 26.16
C GLU B 9 16.10 -19.16 25.60
N ALA B 10 16.15 -19.07 24.28
CA ALA B 10 15.64 -17.88 23.57
C ALA B 10 14.76 -18.33 22.43
N PRO B 11 13.72 -17.54 22.11
CA PRO B 11 12.74 -17.77 21.07
C PRO B 11 13.17 -17.21 19.72
N ILE B 12 12.63 -17.73 18.61
CA ILE B 12 12.77 -17.01 17.35
C ILE B 12 11.86 -15.75 17.39
N ASN B 13 12.06 -14.89 16.39
CA ASN B 13 11.20 -13.72 16.20
C ASN B 13 10.98 -13.58 14.71
N ILE B 14 9.85 -12.94 14.34
CA ILE B 14 9.54 -12.74 12.92
C ILE B 14 9.41 -11.24 12.69
N ALA B 15 10.25 -10.73 11.78
CA ALA B 15 10.21 -9.30 11.43
C ALA B 15 9.05 -9.10 10.51
N PHE B 16 8.24 -8.10 10.84
CA PHE B 16 7.16 -7.67 9.92
C PHE B 16 7.59 -6.37 9.22
N ILE B 17 8.49 -5.60 9.84
CA ILE B 17 9.27 -4.58 9.11
C ILE B 17 10.68 -5.10 8.96
N LYS B 18 11.13 -5.27 7.73
CA LYS B 18 12.29 -6.12 7.44
C LYS B 18 13.67 -5.47 7.61
N TYR B 19 14.57 -6.33 8.09
CA TYR B 19 16.00 -6.09 8.11
C TYR B 19 16.57 -6.72 6.86
N TRP B 20 17.14 -5.90 6.00
CA TRP B 20 17.76 -6.33 4.78
C TRP B 20 18.74 -5.23 4.34
N GLY B 21 20.00 -5.38 4.76
CA GLY B 21 21.03 -4.42 4.43
C GLY B 21 21.74 -3.90 5.64
N LYS B 22 23.08 -3.98 5.58
CA LYS B 22 23.95 -3.35 6.54
C LYS B 22 24.59 -2.12 5.87
N ARG B 23 24.65 -1.05 6.62
CA ARG B 23 25.03 0.28 6.15
C ARG B 23 26.54 0.35 6.10
N GLU B 24 27.05 1.41 5.48
CA GLU B 24 28.49 1.59 5.42
C GLU B 24 29.07 1.66 6.86
N GLY B 25 30.18 0.96 7.05
CA GLY B 25 30.77 0.81 8.39
C GLY B 25 30.11 -0.27 9.25
N GLY B 26 29.12 -0.97 8.69
CA GLY B 26 28.28 -1.88 9.49
C GLY B 26 28.40 -3.39 9.25
N GLU B 27 29.37 -3.85 8.46
CA GLU B 27 29.43 -5.26 8.10
C GLU B 27 30.06 -6.20 9.14
N THR B 28 30.83 -5.63 10.06
CA THR B 28 31.43 -6.38 11.16
C THR B 28 30.67 -6.12 12.46
N LEU B 29 30.29 -4.88 12.67
CA LEU B 29 29.55 -4.50 13.85
C LEU B 29 28.06 -4.85 13.71
N ILE B 30 27.62 -5.22 12.50
CA ILE B 30 26.20 -5.54 12.22
C ILE B 30 25.28 -4.31 12.48
N LEU B 31 25.50 -3.29 11.68
CA LEU B 31 24.71 -2.03 11.80
C LEU B 31 23.83 -1.95 10.55
N PRO B 32 22.49 -1.87 10.72
CA PRO B 32 21.60 -2.03 9.61
C PRO B 32 21.33 -0.65 8.90
N THR B 33 20.82 -0.70 7.67
CA THR B 33 20.48 0.52 6.90
C THR B 33 19.16 1.14 7.38
N ASN B 34 18.36 0.36 8.09
CA ASN B 34 17.08 0.82 8.58
C ASN B 34 16.66 0.08 9.81
N ASP B 35 15.68 0.64 10.51
CA ASP B 35 15.03 -0.03 11.64
C ASP B 35 14.28 -1.27 11.15
N SER B 36 14.09 -2.22 12.07
CA SER B 36 13.21 -3.36 11.81
C SER B 36 12.33 -3.55 13.05
N PHE B 37 11.35 -4.41 12.94
CA PHE B 37 10.27 -4.45 13.88
C PHE B 37 9.76 -5.88 13.81
N SER B 38 9.74 -6.56 14.96
CA SER B 38 9.41 -8.00 14.98
C SER B 38 8.47 -8.34 16.09
N ILE B 39 7.83 -9.51 15.96
CA ILE B 39 7.11 -10.13 17.07
C ILE B 39 7.95 -11.31 17.58
N THR B 40 8.14 -11.33 18.88
CA THR B 40 8.88 -12.45 19.52
C THR B 40 7.91 -13.63 19.68
N LEU B 41 8.34 -14.82 19.30
CA LEU B 41 7.47 -15.97 19.37
C LEU B 41 7.69 -16.71 20.69
N SER B 42 6.77 -17.61 21.03
CA SER B 42 6.91 -18.41 22.25
C SER B 42 8.06 -19.38 22.07
N ALA B 43 8.62 -19.83 23.18
CA ALA B 43 9.77 -20.73 23.13
C ALA B 43 9.34 -22.20 23.13
N SER B 44 8.03 -22.44 23.09
CA SER B 44 7.49 -23.79 23.04
C SER B 44 6.54 -23.86 21.85
N PRO B 45 6.68 -24.90 21.00
CA PRO B 45 7.48 -26.10 21.23
C PRO B 45 8.95 -25.94 20.87
N PHE B 46 9.27 -24.99 19.98
CA PHE B 46 10.61 -24.91 19.42
C PHE B 46 11.44 -23.72 19.91
N ARG B 47 12.74 -23.95 20.12
CA ARG B 47 13.60 -22.94 20.73
C ARG B 47 15.07 -23.29 20.64
N SER B 48 15.90 -22.33 21.01
CA SER B 48 17.31 -22.55 21.14
C SER B 48 17.60 -22.56 22.61
N LYS B 49 18.46 -23.48 23.02
CA LYS B 49 18.89 -23.59 24.41
C LYS B 49 20.41 -23.65 24.38
N THR B 50 21.05 -22.87 25.25
CA THR B 50 22.51 -22.78 25.28
C THR B 50 23.01 -22.79 26.72
N SER B 51 24.05 -23.58 26.97
CA SER B 51 24.76 -23.58 28.25
C SER B 51 26.15 -23.08 28.06
N VAL B 52 26.65 -22.30 29.00
CA VAL B 52 28.03 -21.86 28.94
C VAL B 52 28.71 -22.01 30.29
N GLU B 53 30.00 -22.36 30.20
CA GLU B 53 30.85 -22.71 31.36
C GLU B 53 32.21 -22.06 31.12
N LEU B 54 32.72 -21.33 32.09
CA LEU B 54 34.07 -20.81 32.02
C LEU B 54 35.01 -21.82 32.65
N ARG B 55 36.12 -22.10 31.97
CA ARG B 55 37.04 -23.17 32.34
C ARG B 55 38.48 -22.70 32.23
N ASP B 56 39.31 -23.10 33.20
CA ASP B 56 40.75 -22.91 33.09
C ASP B 56 41.46 -24.14 32.54
N ASP B 57 40.80 -25.30 32.54
CA ASP B 57 41.46 -26.56 32.08
C ASP B 57 41.32 -26.92 30.60
N ILE B 58 40.92 -25.95 29.76
CA ILE B 58 40.80 -26.21 28.32
C ILE B 58 41.66 -25.26 27.54
N GLU B 59 42.11 -25.70 26.37
CA GLU B 59 43.11 -24.97 25.58
C GLU B 59 42.50 -23.80 24.85
N THR B 60 41.31 -24.00 24.28
CA THR B 60 40.65 -22.95 23.50
C THR B 60 39.16 -22.84 23.83
N ASP B 61 38.57 -21.71 23.47
CA ASP B 61 37.12 -21.54 23.47
C ASP B 61 36.52 -22.66 22.62
N THR B 62 35.47 -23.30 23.12
CA THR B 62 34.90 -24.43 22.40
C THR B 62 33.40 -24.23 22.24
N LEU B 63 32.90 -24.63 21.10
CA LEU B 63 31.50 -24.45 20.79
C LEU B 63 31.01 -25.74 20.20
N ARG B 64 29.86 -26.19 20.67
CA ARG B 64 29.21 -27.35 20.10
C ARG B 64 27.77 -27.00 19.75
N LEU B 65 27.37 -27.25 18.51
CA LEU B 65 25.97 -26.98 18.10
C LEU B 65 25.28 -28.29 17.70
N ASN B 66 24.24 -28.65 18.43
CA ASN B 66 23.50 -29.89 18.20
C ASN B 66 24.41 -31.13 18.11
N GLY B 67 25.41 -31.19 18.97
CA GLY B 67 26.29 -32.37 19.03
C GLY B 67 27.58 -32.26 18.26
N THR B 68 27.61 -31.35 17.27
CA THR B 68 28.78 -31.18 16.42
C THR B 68 29.60 -30.00 16.88
N GLU B 69 30.89 -30.25 17.11
CA GLU B 69 31.85 -29.22 17.45
C GLU B 69 31.98 -28.21 16.31
N VAL B 70 31.95 -26.93 16.65
CA VAL B 70 32.22 -25.85 15.71
C VAL B 70 33.60 -25.32 16.04
N ASP B 71 34.42 -25.07 15.02
CA ASP B 71 35.74 -24.47 15.23
C ASP B 71 35.59 -22.97 15.47
N VAL B 72 35.71 -22.53 16.74
CA VAL B 72 35.49 -21.11 17.07
C VAL B 72 36.44 -20.20 16.29
N GLY B 73 37.67 -20.67 16.07
CA GLY B 73 38.65 -19.94 15.27
C GLY B 73 38.24 -19.64 13.85
N LYS B 74 37.30 -20.41 13.30
CA LYS B 74 36.73 -20.18 11.96
C LYS B 74 35.26 -19.72 11.97
N THR B 75 34.82 -19.13 13.10
CA THR B 75 33.46 -18.64 13.31
C THR B 75 33.53 -17.18 13.79
N PRO B 76 33.81 -16.26 12.84
CA PRO B 76 34.04 -14.89 13.20
C PRO B 76 32.94 -14.25 14.02
N ARG B 77 31.67 -14.60 13.80
CA ARG B 77 30.59 -13.95 14.54
C ARG B 77 30.68 -14.29 16.03
N VAL B 78 30.97 -15.56 16.34
CA VAL B 78 31.18 -15.95 17.72
C VAL B 78 32.47 -15.33 18.31
N GLN B 79 33.55 -15.31 17.52
CA GLN B 79 34.81 -14.69 17.94
C GLN B 79 34.58 -13.23 18.21
N SER B 80 33.73 -12.61 17.40
CA SER B 80 33.38 -11.19 17.60
C SER B 80 32.67 -10.94 18.92
N MET B 81 31.70 -11.79 19.24
CA MET B 81 30.98 -11.69 20.47
C MET B 81 31.91 -11.85 21.69
N LEU B 82 32.77 -12.85 21.61
CA LEU B 82 33.72 -13.11 22.71
C LEU B 82 34.69 -11.94 22.92
N LEU B 83 35.17 -11.33 21.83
CA LEU B 83 36.06 -10.17 21.95
C LEU B 83 35.41 -9.06 22.76
N HIS B 84 34.19 -8.72 22.38
CA HIS B 84 33.48 -7.61 23.01
C HIS B 84 33.14 -7.95 24.43
N LEU B 85 32.79 -9.21 24.65
CA LEU B 85 32.47 -9.67 25.98
C LEU B 85 33.71 -9.52 26.86
N ARG B 86 34.86 -9.95 26.35
CA ARG B 86 36.08 -9.92 27.17
C ARG B 86 36.53 -8.50 27.47
N SER B 87 36.39 -7.59 26.50
CA SER B 87 36.76 -6.18 26.70
C SER B 87 35.83 -5.40 27.65
N THR B 88 34.76 -6.03 28.15
CA THR B 88 33.82 -5.37 29.04
C THR B 88 33.41 -6.29 30.18
N CYS B 89 34.33 -7.13 30.64
CA CYS B 89 34.05 -8.04 31.75
C CYS B 89 35.15 -7.96 32.80
N PRO B 90 34.84 -8.40 34.05
CA PRO B 90 35.84 -8.55 35.12
C PRO B 90 37.12 -9.22 34.62
N GLU B 91 38.26 -8.57 34.88
CA GLU B 91 39.56 -9.06 34.38
C GLU B 91 39.95 -10.41 35.03
N GLU B 92 39.27 -10.78 36.12
CA GLU B 92 39.38 -12.13 36.68
C GLU B 92 38.90 -13.18 35.69
N LEU B 93 37.74 -12.92 35.09
CA LEU B 93 37.06 -13.89 34.23
C LEU B 93 37.51 -13.79 32.77
N LYS B 94 37.98 -12.62 32.39
CA LYS B 94 38.37 -12.30 31.01
C LYS B 94 39.30 -13.34 30.38
N ASN B 95 40.15 -13.95 31.19
CA ASN B 95 41.22 -14.82 30.70
C ASN B 95 40.83 -16.30 30.62
N LYS B 96 39.67 -16.64 31.20
CA LYS B 96 39.16 -18.00 31.16
C LYS B 96 38.66 -18.32 29.76
N LYS B 97 38.72 -19.60 29.39
CA LYS B 97 38.19 -20.07 28.13
C LYS B 97 36.76 -20.52 28.34
N VAL B 98 35.97 -20.46 27.28
CA VAL B 98 34.56 -20.73 27.43
C VAL B 98 34.24 -22.05 26.75
N ASN B 99 33.33 -22.78 27.34
CA ASN B 99 32.79 -24.01 26.79
C ASN B 99 31.29 -23.76 26.54
N ILE B 100 30.89 -23.73 25.27
CA ILE B 100 29.53 -23.36 24.87
C ILE B 100 28.89 -24.59 24.24
N VAL B 101 27.77 -25.04 24.78
CA VAL B 101 26.99 -26.11 24.21
C VAL B 101 25.56 -25.63 23.93
N SER B 102 25.18 -25.71 22.66
CA SER B 102 23.87 -25.28 22.21
C SER B 102 23.19 -26.39 21.45
N GLU B 103 21.87 -26.35 21.48
CA GLU B 103 21.06 -27.13 20.58
C GLU B 103 19.76 -26.38 20.34
N ASN B 104 19.11 -26.72 19.26
CA ASN B 104 17.77 -26.26 19.02
C ASN B 104 16.98 -27.48 18.56
N ASN B 105 15.67 -27.45 18.77
CA ASN B 105 14.80 -28.56 18.42
C ASN B 105 13.97 -28.28 17.17
N PHE B 106 14.38 -27.30 16.38
CA PHE B 106 13.68 -27.02 15.13
C PHE B 106 13.88 -28.18 14.16
N PRO B 107 12.77 -28.81 13.71
CA PRO B 107 12.90 -29.95 12.81
C PRO B 107 13.81 -29.65 11.64
N THR B 108 14.61 -30.65 11.28
CA THR B 108 15.53 -30.54 10.15
C THR B 108 14.74 -30.48 8.86
N ALA B 109 15.20 -29.67 7.91
CA ALA B 109 14.51 -29.43 6.63
C ALA B 109 13.40 -28.33 6.69
N ALA B 110 13.02 -27.89 7.89
CA ALA B 110 12.01 -26.85 8.06
C ALA B 110 12.58 -25.49 7.65
N GLY B 111 13.89 -25.33 7.81
CA GLY B 111 14.56 -24.07 7.47
C GLY B 111 14.07 -22.90 8.30
N MET B 112 13.77 -23.15 9.58
CA MET B 112 13.43 -22.08 10.50
C MET B 112 14.75 -21.39 10.81
N ALA B 113 14.72 -20.06 10.83
CA ALA B 113 15.92 -19.30 11.13
C ALA B 113 16.16 -19.41 12.64
N SER B 114 16.92 -20.45 13.00
CA SER B 114 17.27 -20.72 14.39
C SER B 114 18.53 -19.98 14.83
N SER B 115 19.17 -19.21 13.94
CA SER B 115 20.36 -18.45 14.34
C SER B 115 20.03 -17.21 15.21
N ALA B 116 18.92 -16.53 14.93
CA ALA B 116 18.47 -15.48 15.82
C ALA B 116 18.30 -16.01 17.25
N SER B 117 17.62 -17.14 17.41
CA SER B 117 17.36 -17.62 18.76
C SER B 117 18.69 -18.10 19.37
N GLY B 118 19.50 -18.79 18.56
CA GLY B 118 20.81 -19.31 18.98
C GLY B 118 21.75 -18.25 19.50
N TYR B 119 21.90 -17.19 18.70
CA TYR B 119 22.82 -16.13 19.11
C TYR B 119 22.30 -15.32 20.28
N CYS B 120 20.99 -15.14 20.38
CA CYS B 120 20.42 -14.44 21.50
C CYS B 120 20.60 -15.24 22.83
N ALA B 121 20.33 -16.53 22.75
CA ALA B 121 20.55 -17.44 23.91
C ALA B 121 22.02 -17.38 24.34
N MET B 122 22.92 -17.54 23.36
CA MET B 122 24.37 -17.49 23.61
C MET B 122 24.79 -16.17 24.23
N SER B 123 24.30 -15.06 23.67
CA SER B 123 24.60 -13.75 24.24
C SER B 123 24.23 -13.64 25.72
N ALA B 124 23.02 -14.05 26.03
CA ALA B 124 22.49 -13.94 27.36
C ALA B 124 23.25 -14.87 28.33
N ALA B 125 23.52 -16.10 27.90
CA ALA B 125 24.33 -17.05 28.71
C ALA B 125 25.73 -16.46 29.01
N LEU B 126 26.42 -16.02 27.94
CA LEU B 126 27.78 -15.50 28.05
C LEU B 126 27.89 -14.32 28.98
N ILE B 127 26.97 -13.36 28.87
CA ILE B 127 27.01 -12.16 29.72
C ILE B 127 26.88 -12.54 31.18
N ARG B 128 25.99 -13.48 31.47
CA ARG B 128 25.83 -13.89 32.86
C ARG B 128 27.04 -14.72 33.32
N ALA B 129 27.52 -15.64 32.49
CA ALA B 129 28.70 -16.44 32.84
C ALA B 129 29.92 -15.56 33.16
N PHE B 130 30.12 -14.51 32.36
CA PHE B 130 31.25 -13.58 32.56
C PHE B 130 30.95 -12.45 33.52
N LYS B 131 29.77 -12.45 34.15
CA LYS B 131 29.34 -11.34 34.98
C LYS B 131 29.70 -10.04 34.26
N SER B 132 29.22 -9.93 33.02
CA SER B 132 29.53 -8.76 32.19
C SER B 132 28.46 -7.70 32.33
N THR B 133 28.83 -6.46 32.07
CA THR B 133 27.88 -5.36 32.09
C THR B 133 27.38 -5.05 30.69
N THR B 134 27.91 -5.73 29.67
CA THR B 134 27.41 -5.49 28.32
C THR B 134 25.92 -5.79 28.19
N ASN B 135 25.39 -5.27 27.10
CA ASN B 135 24.00 -5.33 26.77
C ASN B 135 23.70 -6.61 26.00
N VAL B 136 22.67 -7.33 26.42
CA VAL B 136 22.32 -8.61 25.83
C VAL B 136 21.95 -8.43 24.34
N SER B 137 21.12 -7.43 24.05
CA SER B 137 20.69 -7.21 22.67
C SER B 137 21.86 -6.90 21.75
N MET B 138 22.74 -6.04 22.22
CA MET B 138 23.87 -5.55 21.42
C MET B 138 24.93 -6.61 21.20
N LEU B 139 25.11 -7.46 22.21
CA LEU B 139 26.03 -8.57 22.06
C LEU B 139 25.45 -9.60 21.10
N ALA B 140 24.17 -9.89 21.21
CA ALA B 140 23.51 -10.79 20.26
C ALA B 140 23.62 -10.29 18.82
N ARG B 141 23.51 -8.97 18.66
CA ARG B 141 23.62 -8.32 17.35
C ARG B 141 24.91 -8.66 16.62
N LEU B 142 26.02 -8.66 17.36
CA LEU B 142 27.30 -9.03 16.80
C LEU B 142 27.33 -10.42 16.19
N GLY B 143 26.52 -11.35 16.73
CA GLY B 143 26.41 -12.69 16.23
C GLY B 143 25.51 -12.76 15.03
N SER B 144 24.33 -12.16 15.15
CA SER B 144 23.37 -12.09 14.05
C SER B 144 22.44 -10.89 14.29
N GLY B 145 22.16 -10.12 13.26
CA GLY B 145 21.35 -8.92 13.44
C GLY B 145 19.99 -9.24 14.05
N SER B 146 19.30 -10.19 13.45
CA SER B 146 17.95 -10.53 13.95
C SER B 146 17.95 -11.05 15.38
N ALA B 147 19.07 -11.61 15.82
CA ALA B 147 19.17 -12.10 17.19
C ALA B 147 18.95 -11.01 18.22
N CYS B 148 19.33 -9.77 17.92
CA CYS B 148 19.20 -8.71 18.92
C CYS B 148 17.75 -8.43 19.34
N ARG B 149 16.81 -8.82 18.48
CA ARG B 149 15.36 -8.59 18.73
C ARG B 149 14.68 -9.69 19.53
N SER B 150 15.38 -10.81 19.73
CA SER B 150 14.82 -11.87 20.56
C SER B 150 15.13 -11.63 22.02
N ALA B 151 15.90 -10.59 22.28
CA ALA B 151 16.25 -10.20 23.65
C ALA B 151 15.10 -9.64 24.49
N PHE B 152 13.96 -9.32 23.85
CA PHE B 152 12.76 -8.92 24.57
C PHE B 152 11.55 -9.68 24.06
N GLY B 153 10.55 -9.80 24.91
CA GLY B 153 9.27 -10.37 24.51
C GLY B 153 8.43 -9.28 23.85
N GLY B 154 7.34 -9.70 23.23
CA GLY B 154 6.36 -8.77 22.68
C GLY B 154 6.74 -8.32 21.29
N PHE B 155 6.48 -7.04 21.03
CA PHE B 155 6.81 -6.36 19.76
C PHE B 155 8.07 -5.55 20.02
N VAL B 156 9.07 -5.75 19.18
CA VAL B 156 10.43 -5.25 19.44
C VAL B 156 10.95 -4.51 18.23
N ILE B 157 11.47 -3.32 18.47
CA ILE B 157 12.11 -2.49 17.44
C ILE B 157 13.65 -2.66 17.50
N TRP B 158 14.27 -2.99 16.37
CA TRP B 158 15.70 -2.88 16.26
C TRP B 158 15.94 -1.46 15.73
N ASN B 159 16.45 -0.61 16.61
CA ASN B 159 16.84 0.78 16.33
C ASN B 159 18.17 0.80 15.65
N LYS B 160 18.22 1.37 14.45
CA LYS B 160 19.43 1.29 13.65
C LYS B 160 20.60 2.09 14.28
N GLY B 161 20.27 3.10 15.08
CA GLY B 161 21.27 4.00 15.65
C GLY B 161 21.95 4.85 14.60
N GLU B 162 22.77 5.78 15.07
CA GLU B 162 23.55 6.63 14.17
C GLU B 162 25.04 6.69 14.50
N LYS B 163 25.44 6.16 15.65
CA LYS B 163 26.86 6.12 16.03
C LYS B 163 27.65 4.98 15.36
N PRO B 164 28.76 5.32 14.69
CA PRO B 164 29.54 4.34 13.97
C PRO B 164 30.16 3.22 14.83
N ASP B 165 30.19 3.40 16.14
CA ASP B 165 30.70 2.34 17.02
C ASP B 165 29.64 1.30 17.40
N GLY B 166 28.38 1.51 16.97
CA GLY B 166 27.27 0.59 17.29
C GLY B 166 26.63 0.78 18.65
N SER B 167 27.09 1.78 19.39
CA SER B 167 26.67 1.96 20.77
C SER B 167 25.22 2.32 20.99
N ASP B 168 24.55 2.82 19.94
CA ASP B 168 23.12 3.07 19.99
C ASP B 168 22.29 2.15 19.05
N CYS B 169 22.88 1.06 18.57
CA CYS B 169 22.22 0.16 17.64
C CYS B 169 21.79 -1.04 18.44
N VAL B 170 20.51 -1.06 18.77
CA VAL B 170 20.05 -1.93 19.82
C VAL B 170 18.55 -2.10 19.67
N ALA B 171 18.05 -3.20 20.21
CA ALA B 171 16.62 -3.41 20.29
C ALA B 171 16.02 -2.79 21.55
N THR B 172 14.78 -2.34 21.43
CA THR B 172 13.96 -1.88 22.54
C THR B 172 12.57 -2.53 22.40
N GLN B 173 11.92 -2.78 23.53
CA GLN B 173 10.60 -3.32 23.53
C GLN B 173 9.63 -2.18 23.28
N PHE B 174 8.84 -2.32 22.24
CA PHE B 174 7.80 -1.34 21.94
C PHE B 174 6.59 -1.54 22.84
N VAL B 175 6.00 -2.72 22.81
CA VAL B 175 5.02 -3.12 23.83
C VAL B 175 5.34 -4.54 24.24
N ASP B 176 4.95 -4.92 25.46
CA ASP B 176 5.18 -6.29 25.89
C ASP B 176 4.10 -7.24 25.38
N GLU B 177 4.29 -8.52 25.69
CA GLU B 177 3.44 -9.58 25.18
C GLU B 177 2.02 -9.60 25.73
N THR B 178 1.74 -8.79 26.75
CA THR B 178 0.39 -8.67 27.31
C THR B 178 -0.45 -7.54 26.67
N HIS B 179 0.15 -6.74 25.80
CA HIS B 179 -0.55 -5.60 25.18
C HIS B 179 -1.66 -6.08 24.25
N TRP B 180 -1.35 -7.04 23.40
CA TRP B 180 -2.27 -7.48 22.36
C TRP B 180 -2.37 -8.99 22.38
N PRO B 181 -2.96 -9.55 23.45
CA PRO B 181 -3.06 -11.01 23.61
C PRO B 181 -3.78 -11.75 22.47
N GLU B 182 -4.65 -11.05 21.74
CA GLU B 182 -5.44 -11.65 20.69
C GLU B 182 -4.60 -12.02 19.48
N ILE B 183 -3.50 -11.29 19.24
CA ILE B 183 -2.75 -11.54 18.02
C ILE B 183 -1.98 -12.89 18.10
N GLN B 184 -2.07 -13.67 17.03
CA GLN B 184 -1.42 -14.97 16.96
C GLN B 184 -0.48 -15.05 15.78
N VAL B 185 0.59 -15.86 15.93
CA VAL B 185 1.48 -16.17 14.83
C VAL B 185 1.38 -17.65 14.44
N MET B 186 1.39 -17.92 13.14
CA MET B 186 1.61 -19.28 12.65
C MET B 186 2.77 -19.29 11.64
N CYS B 187 3.31 -20.47 11.37
CA CYS B 187 4.20 -20.64 10.27
C CYS B 187 3.79 -21.89 9.57
N ALA B 188 3.48 -21.73 8.29
CA ALA B 188 3.26 -22.80 7.34
C ALA B 188 4.63 -23.08 6.68
N VAL B 189 5.22 -24.21 7.06
CA VAL B 189 6.55 -24.58 6.63
C VAL B 189 6.44 -25.31 5.33
N LEU B 190 7.23 -24.86 4.35
CA LEU B 190 7.13 -25.30 2.96
C LEU B 190 8.50 -25.76 2.44
N LYS B 191 8.47 -26.60 1.42
CA LYS B 191 9.70 -27.10 0.79
C LYS B 191 10.56 -25.92 0.32
N GLY B 192 11.86 -25.93 0.61
CA GLY B 192 12.75 -24.83 0.19
C GLY B 192 12.86 -24.72 -1.32
N ALA B 193 13.21 -23.55 -1.82
CA ALA B 193 13.59 -23.43 -3.22
C ALA B 193 15.04 -23.90 -3.38
N GLN B 194 15.46 -23.96 -4.64
CA GLN B 194 16.85 -24.20 -5.00
C GLN B 194 17.71 -23.25 -4.16
N LYS B 195 18.77 -23.79 -3.57
CA LYS B 195 19.62 -23.05 -2.68
C LYS B 195 20.10 -21.79 -3.41
N ASP B 196 20.02 -20.65 -2.73
CA ASP B 196 20.48 -19.38 -3.28
C ASP B 196 21.43 -18.84 -2.26
N VAL B 197 21.94 -17.63 -2.51
CA VAL B 197 22.89 -17.01 -1.60
C VAL B 197 22.32 -16.89 -0.20
N SER B 198 23.23 -16.83 0.76
CA SER B 198 22.88 -16.63 2.16
C SER B 198 22.28 -15.23 2.30
N SER B 199 21.51 -15.04 3.34
CA SER B 199 20.95 -13.73 3.63
C SER B 199 22.04 -12.70 3.82
N THR B 200 23.11 -13.10 4.50
CA THR B 200 24.20 -12.19 4.81
C THR B 200 24.80 -11.64 3.54
N LYS B 201 25.04 -12.50 2.57
CA LYS B 201 25.62 -12.05 1.32
C LYS B 201 24.55 -11.44 0.42
N GLY B 202 23.37 -12.03 0.39
CA GLY B 202 22.27 -11.53 -0.42
C GLY B 202 21.84 -10.10 -0.10
N MET B 203 21.79 -9.75 1.19
CA MET B 203 21.32 -8.43 1.56
C MET B 203 22.29 -7.36 1.15
N GLN B 204 23.58 -7.66 1.11
CA GLN B 204 24.54 -6.71 0.58
C GLN B 204 24.48 -6.62 -0.89
N GLN B 205 24.18 -7.71 -1.56
CA GLN B 205 24.10 -7.69 -2.98
C GLN B 205 22.89 -6.83 -3.40
N SER B 206 21.80 -6.97 -2.65
CA SER B 206 20.60 -6.11 -2.86
C SER B 206 20.91 -4.63 -2.68
N LEU B 207 21.57 -4.31 -1.57
CA LEU B 207 21.97 -2.94 -1.31
C LEU B 207 22.82 -2.44 -2.46
N LYS B 208 23.69 -3.27 -3.00
CA LYS B 208 24.57 -2.82 -4.07
C LYS B 208 23.84 -2.60 -5.40
N THR B 209 22.84 -3.41 -5.71
CA THR B 209 22.31 -3.56 -7.07
C THR B 209 20.81 -3.36 -7.26
N SER B 210 20.01 -3.50 -6.21
CA SER B 210 18.54 -3.36 -6.38
C SER B 210 18.18 -1.90 -6.45
N PRO B 211 17.43 -1.53 -7.49
CA PRO B 211 17.03 -0.13 -7.62
C PRO B 211 16.03 0.34 -6.54
N LEU B 212 15.49 -0.56 -5.75
CA LEU B 212 14.45 -0.23 -4.78
C LEU B 212 14.97 0.13 -3.41
N MET B 213 16.23 -0.15 -3.12
CA MET B 213 16.76 0.04 -1.78
C MET B 213 16.85 1.52 -1.36
N LYS B 214 17.21 2.43 -2.25
CA LYS B 214 17.39 3.81 -1.85
C LYS B 214 16.13 4.42 -1.20
N LYS B 215 15.00 4.29 -1.88
CA LYS B 215 13.74 4.79 -1.42
C LYS B 215 13.26 4.03 -0.19
N ARG B 216 13.47 2.71 -0.19
CA ARG B 216 13.11 1.92 0.95
C ARG B 216 13.72 2.46 2.23
N ILE B 217 15.02 2.74 2.18
CA ILE B 217 15.77 3.18 3.36
C ILE B 217 15.42 4.60 3.75
N SER B 218 15.30 5.46 2.75
CA SER B 218 15.15 6.86 3.07
C SER B 218 13.69 7.21 3.43
N GLU B 219 12.71 6.62 2.74
CA GLU B 219 11.30 7.00 2.90
C GLU B 219 10.43 5.87 3.48
N THR B 220 10.50 4.69 2.90
CA THR B 220 9.49 3.68 3.15
C THR B 220 9.56 3.11 4.58
N VAL B 221 10.75 2.74 5.02
CA VAL B 221 10.80 2.15 6.35
C VAL B 221 10.42 3.13 7.46
N PRO B 222 10.96 4.37 7.44
CA PRO B 222 10.48 5.37 8.38
C PRO B 222 8.96 5.55 8.41
N GLU B 223 8.32 5.60 7.23
CA GLU B 223 6.86 5.68 7.10
C GLU B 223 6.18 4.52 7.80
N ARG B 224 6.65 3.33 7.48
CA ARG B 224 6.00 2.10 7.95
C ARG B 224 6.24 1.83 9.41
N MET B 225 7.36 2.28 9.95
CA MET B 225 7.60 2.18 11.39
C MET B 225 6.60 3.00 12.15
N LYS B 226 6.34 4.20 11.66
CA LYS B 226 5.32 5.07 12.24
C LYS B 226 3.91 4.46 12.23
N ILE B 227 3.50 3.94 11.07
CA ILE B 227 2.18 3.40 10.85
C ILE B 227 2.01 2.16 11.73
N ALA B 228 3.04 1.33 11.75
CA ALA B 228 2.98 0.08 12.53
C ALA B 228 2.87 0.36 14.02
N SER B 229 3.70 1.27 14.50
CA SER B 229 3.70 1.71 15.88
C SER B 229 2.30 2.16 16.32
N ARG B 230 1.69 2.98 15.49
CA ARG B 230 0.36 3.49 15.75
C ARG B 230 -0.65 2.33 15.77
N ALA B 231 -0.57 1.43 14.81
CA ALA B 231 -1.49 0.31 14.72
C ALA B 231 -1.38 -0.62 15.92
N ILE B 232 -0.16 -0.94 16.28
CA ILE B 232 0.08 -1.85 17.42
C ILE B 232 -0.46 -1.21 18.68
N LYS B 233 -0.13 0.06 18.91
CA LYS B 233 -0.67 0.72 20.09
C LYS B 233 -2.20 0.73 20.14
N ALA B 234 -2.84 0.90 18.97
CA ALA B 234 -4.31 0.96 18.80
C ALA B 234 -4.94 -0.41 18.71
N ARG B 235 -4.10 -1.45 18.56
CA ARG B 235 -4.54 -2.80 18.28
C ARG B 235 -5.42 -2.86 17.03
N ASP B 236 -4.93 -2.22 15.97
CA ASP B 236 -5.61 -2.12 14.67
C ASP B 236 -4.99 -3.18 13.80
N PHE B 237 -5.65 -4.35 13.79
CA PHE B 237 -5.12 -5.48 13.09
C PHE B 237 -5.03 -5.26 11.64
N ALA B 238 -6.09 -4.72 11.03
CA ALA B 238 -6.10 -4.54 9.59
C ALA B 238 -4.90 -3.72 9.10
N THR B 239 -4.57 -2.63 9.80
CA THR B 239 -3.47 -1.78 9.36
C THR B 239 -2.15 -2.52 9.57
N PHE B 240 -2.01 -3.13 10.74
CA PHE B 240 -0.82 -3.97 11.01
C PHE B 240 -0.62 -5.04 9.92
N ALA B 241 -1.68 -5.78 9.63
CA ALA B 241 -1.68 -6.79 8.57
C ALA B 241 -1.26 -6.26 7.21
N GLU B 242 -1.82 -5.13 6.82
CA GLU B 242 -1.48 -4.53 5.55
C GLU B 242 0.00 -4.15 5.46
N ILE B 243 0.57 -3.58 6.53
CA ILE B 243 1.99 -3.26 6.55
C ILE B 243 2.82 -4.53 6.38
N ALA B 244 2.45 -5.58 7.14
CA ALA B 244 3.23 -6.81 7.12
C ALA B 244 3.27 -7.38 5.70
N MET B 245 2.15 -7.33 4.98
CA MET B 245 2.14 -7.87 3.62
C MET B 245 2.89 -6.98 2.63
N LEU B 246 2.81 -5.67 2.82
CA LEU B 246 3.53 -4.74 1.97
C LEU B 246 5.04 -5.00 2.10
N GLU B 247 5.47 -5.14 3.33
CA GLU B 247 6.88 -5.39 3.64
C GLU B 247 7.38 -6.70 3.03
N SER B 248 6.58 -7.75 3.18
CA SER B 248 6.88 -9.03 2.59
C SER B 248 7.05 -8.97 1.07
N ASP B 249 6.05 -8.41 0.41
CA ASP B 249 6.07 -8.23 -1.02
C ASP B 249 7.33 -7.43 -1.45
N ASP B 250 7.63 -6.36 -0.71
CA ASP B 250 8.77 -5.51 -1.07
C ASP B 250 10.09 -6.27 -0.96
N LEU B 251 10.24 -7.13 0.05
CA LEU B 251 11.50 -7.90 0.20
C LEU B 251 11.66 -8.87 -0.95
N GLN B 252 10.55 -9.46 -1.37
CA GLN B 252 10.60 -10.36 -2.52
C GLN B 252 10.97 -9.60 -3.80
N GLU B 253 10.40 -8.41 -3.98
CA GLU B 253 10.71 -7.60 -5.11
C GLU B 253 12.19 -7.14 -5.12
N ILE B 254 12.68 -6.73 -3.97
CA ILE B 254 14.09 -6.37 -3.82
C ILE B 254 14.98 -7.54 -4.24
N CYS B 255 14.66 -8.73 -3.76
CA CYS B 255 15.39 -9.92 -4.16
C CYS B 255 15.29 -10.18 -5.66
N ALA B 256 14.08 -9.99 -6.23
CA ALA B 256 13.88 -10.17 -7.67
C ALA B 256 14.66 -9.22 -8.55
N THR B 257 14.97 -8.03 -8.02
CA THR B 257 15.63 -6.96 -8.77
C THR B 257 17.11 -6.79 -8.37
N THR B 258 17.58 -7.72 -7.55
CA THR B 258 19.00 -7.82 -7.22
C THR B 258 19.73 -8.44 -8.41
N GLU B 259 21.01 -8.13 -8.57
CA GLU B 259 21.80 -8.72 -9.65
C GLU B 259 23.04 -9.35 -9.04
N PRO B 260 23.16 -10.68 -9.10
CA PRO B 260 22.24 -11.68 -9.67
C PRO B 260 20.92 -11.79 -8.91
N LYS B 261 19.86 -12.10 -9.65
CA LYS B 261 18.53 -12.28 -9.06
C LYS B 261 18.60 -13.24 -7.87
N ILE B 262 17.92 -12.91 -6.79
CA ILE B 262 17.82 -13.77 -5.62
C ILE B 262 16.38 -14.26 -5.54
N THR B 263 16.18 -15.58 -5.45
CA THR B 263 14.87 -16.20 -5.24
C THR B 263 14.91 -17.09 -3.99
N TYR B 264 13.99 -16.82 -3.05
CA TYR B 264 13.73 -17.71 -1.92
C TYR B 264 12.33 -18.33 -1.99
N ALA B 265 11.41 -17.66 -2.68
CA ALA B 265 10.02 -18.10 -2.73
C ALA B 265 9.84 -19.23 -3.74
N THR B 266 9.00 -20.20 -3.39
CA THR B 266 8.61 -21.26 -4.32
C THR B 266 7.19 -21.01 -4.88
N GLU B 267 6.78 -21.83 -5.84
CA GLU B 267 5.42 -21.77 -6.34
C GLU B 267 4.41 -21.93 -5.19
N ASP B 268 4.75 -22.73 -4.18
CA ASP B 268 3.87 -22.88 -3.03
C ASP B 268 3.78 -21.59 -2.24
N SER B 269 4.92 -20.94 -1.99
CA SER B 269 4.96 -19.62 -1.40
C SER B 269 4.01 -18.72 -2.12
N TYR B 270 4.09 -18.68 -3.44
CA TYR B 270 3.26 -17.76 -4.16
C TYR B 270 1.80 -18.15 -4.10
N ALA B 271 1.53 -19.46 -4.08
CA ALA B 271 0.15 -19.94 -3.89
C ALA B 271 -0.40 -19.49 -2.56
N MET B 272 0.42 -19.54 -1.53
CA MET B 272 -0.01 -19.08 -0.20
C MET B 272 -0.34 -17.59 -0.18
N ILE B 273 0.44 -16.80 -0.88
CA ILE B 273 0.13 -15.37 -0.99
C ILE B 273 -1.24 -15.19 -1.68
N ARG B 274 -1.44 -15.92 -2.78
CA ARG B 274 -2.69 -15.85 -3.50
C ARG B 274 -3.85 -16.26 -2.59
N LEU B 275 -3.63 -17.28 -1.79
CA LEU B 275 -4.68 -17.84 -0.94
C LEU B 275 -5.10 -16.88 0.17
N VAL B 276 -4.13 -16.30 0.86
CA VAL B 276 -4.42 -15.30 1.89
C VAL B 276 -5.20 -14.10 1.31
N LYS B 277 -4.75 -13.57 0.18
CA LYS B 277 -5.41 -12.44 -0.49
C LYS B 277 -6.82 -12.81 -0.88
N ALA B 278 -6.98 -13.99 -1.51
CA ALA B 278 -8.30 -14.51 -1.89
C ALA B 278 -9.23 -14.70 -0.68
N TYR B 279 -8.69 -15.16 0.43
CA TYR B 279 -9.46 -15.28 1.68
C TYR B 279 -9.94 -13.95 2.22
N ASN B 280 -9.00 -13.01 2.32
CA ASN B 280 -9.34 -11.66 2.78
C ASN B 280 -10.40 -11.06 1.87
N ALA B 281 -10.25 -11.19 0.55
CA ALA B 281 -11.20 -10.65 -0.42
C ALA B 281 -12.58 -11.22 -0.14
N LYS B 282 -12.64 -12.54 0.00
CA LYS B 282 -13.91 -13.21 0.30
C LYS B 282 -14.54 -12.82 1.62
N LYS B 283 -13.72 -12.67 2.67
CA LYS B 283 -14.21 -12.24 3.99
C LYS B 283 -14.68 -10.80 4.01
N GLY B 284 -14.16 -9.98 3.10
CA GLY B 284 -14.49 -8.55 3.05
C GLY B 284 -13.68 -7.68 3.97
N ARG B 285 -12.59 -8.23 4.50
CA ARG B 285 -11.72 -7.54 5.44
C ARG B 285 -10.37 -8.28 5.52
N THR B 286 -9.38 -7.60 6.10
CA THR B 286 -8.03 -8.16 6.19
C THR B 286 -8.01 -8.94 7.49
N ALA B 287 -8.31 -10.23 7.39
CA ALA B 287 -8.40 -11.12 8.58
C ALA B 287 -7.10 -11.87 8.82
N LEU B 288 -6.28 -11.99 7.78
CA LEU B 288 -5.10 -12.88 7.77
C LEU B 288 -3.95 -12.14 7.06
N ALA B 289 -2.74 -12.22 7.57
CA ALA B 289 -1.61 -11.56 6.94
C ALA B 289 -0.55 -12.63 6.71
N TYR B 290 0.18 -12.53 5.61
CA TYR B 290 1.37 -13.35 5.45
C TYR B 290 2.63 -12.54 5.63
N THR B 291 3.72 -13.22 5.94
CA THR B 291 5.03 -12.62 5.72
C THR B 291 6.08 -13.68 5.43
N PHE B 292 6.98 -13.39 4.49
CA PHE B 292 8.10 -14.28 4.17
C PHE B 292 9.37 -13.60 4.55
N ASP B 293 10.32 -14.41 5.05
CA ASP B 293 11.55 -13.89 5.63
C ASP B 293 12.79 -14.55 5.06
N ALA B 294 13.04 -14.39 3.77
CA ALA B 294 14.28 -14.92 3.15
C ALA B 294 14.27 -16.44 3.07
N GLY B 295 13.10 -16.97 2.75
CA GLY B 295 12.90 -18.42 2.75
C GLY B 295 11.52 -18.67 2.16
N ALA B 296 11.17 -19.93 1.94
CA ALA B 296 9.89 -20.26 1.28
C ALA B 296 8.75 -20.35 2.29
N ASN B 297 9.09 -20.44 3.57
CA ASN B 297 8.09 -20.63 4.64
C ASN B 297 7.18 -19.42 4.80
N CYS B 298 5.87 -19.68 4.90
CA CYS B 298 4.92 -18.60 5.06
C CYS B 298 4.58 -18.34 6.52
N PHE B 299 5.03 -17.21 7.06
CA PHE B 299 4.55 -16.80 8.38
C PHE B 299 3.17 -16.13 8.21
N LEU B 300 2.32 -16.29 9.22
CA LEU B 300 0.94 -15.78 9.16
C LEU B 300 0.64 -15.11 10.49
N PHE B 301 -0.08 -13.97 10.44
CA PHE B 301 -0.61 -13.29 11.61
C PHE B 301 -2.14 -13.26 11.48
N VAL B 302 -2.79 -13.44 12.61
CA VAL B 302 -4.24 -13.56 12.68
C VAL B 302 -4.67 -13.31 14.14
N LEU B 303 -5.88 -12.78 14.33
CA LEU B 303 -6.40 -12.69 15.69
C LEU B 303 -6.97 -14.06 16.10
N LYS B 304 -6.90 -14.33 17.39
CA LYS B 304 -7.32 -15.63 17.97
C LYS B 304 -8.73 -16.04 17.56
N GLU B 305 -9.68 -15.10 17.62
CA GLU B 305 -11.05 -15.43 17.23
C GLU B 305 -11.13 -15.89 15.78
N ASP B 306 -10.22 -15.40 14.92
CA ASP B 306 -10.23 -15.72 13.50
C ASP B 306 -9.38 -16.94 13.13
N LEU B 307 -8.57 -17.40 14.05
CA LEU B 307 -7.59 -18.42 13.69
C LEU B 307 -8.18 -19.77 13.24
N PRO B 308 -9.16 -20.28 13.99
CA PRO B 308 -9.75 -21.55 13.61
C PRO B 308 -10.27 -21.59 12.22
N GLU B 309 -11.03 -20.56 11.82
CA GLU B 309 -11.46 -20.52 10.42
C GLU B 309 -10.31 -20.39 9.40
N ALA B 310 -9.35 -19.52 9.68
CA ALA B 310 -8.18 -19.39 8.81
C ALA B 310 -7.47 -20.76 8.60
N VAL B 311 -7.25 -21.47 9.67
CA VAL B 311 -6.58 -22.78 9.58
C VAL B 311 -7.43 -23.80 8.77
N ALA B 312 -8.74 -23.87 9.02
CA ALA B 312 -9.63 -24.74 8.22
C ALA B 312 -9.58 -24.40 6.75
N MET B 313 -9.62 -23.09 6.44
CA MET B 313 -9.46 -22.62 5.07
C MET B 313 -8.14 -23.11 4.45
N LEU B 314 -7.04 -22.96 5.19
CA LEU B 314 -5.72 -23.41 4.68
C LEU B 314 -5.71 -24.92 4.39
N MET B 315 -6.32 -25.65 5.29
CA MET B 315 -6.39 -27.14 5.20
C MET B 315 -7.22 -27.64 4.02
N GLU B 316 -8.12 -26.80 3.51
CA GLU B 316 -8.84 -27.14 2.27
C GLU B 316 -7.99 -27.06 1.02
N HIS B 317 -6.92 -26.25 1.08
CA HIS B 317 -6.01 -26.05 -0.04
C HIS B 317 -4.66 -26.75 0.12
N PHE B 318 -4.20 -26.87 1.35
CA PHE B 318 -2.91 -27.50 1.69
C PHE B 318 -3.22 -28.50 2.79
N PRO B 319 -3.96 -29.57 2.45
CA PRO B 319 -4.42 -30.41 3.52
C PRO B 319 -3.27 -31.11 4.21
N THR B 320 -3.22 -30.99 5.53
CA THR B 320 -2.04 -31.33 6.28
C THR B 320 -2.46 -32.10 7.53
N PRO B 321 -1.90 -33.32 7.71
CA PRO B 321 -2.20 -34.12 8.88
C PRO B 321 -1.98 -33.39 10.17
N PHE B 322 -2.85 -33.60 11.16
CA PHE B 322 -2.73 -32.93 12.44
C PHE B 322 -1.46 -33.33 13.19
N GLU B 323 -0.88 -34.48 12.86
CA GLU B 323 0.40 -34.88 13.47
C GLU B 323 1.50 -33.86 13.14
N LYS B 324 1.33 -33.18 11.98
CA LYS B 324 2.26 -32.15 11.52
C LYS B 324 1.91 -30.76 12.03
N PHE B 325 0.92 -30.67 12.94
CA PHE B 325 0.57 -29.40 13.59
C PHE B 325 1.34 -29.35 14.87
N PHE B 326 1.96 -28.20 15.13
CA PHE B 326 2.59 -27.95 16.42
C PHE B 326 2.07 -26.64 17.02
N PHE B 327 0.97 -26.74 17.74
CA PHE B 327 0.36 -25.59 18.38
C PHE B 327 0.78 -25.42 19.82
N GLY B 328 1.14 -24.19 20.19
CA GLY B 328 1.39 -23.85 21.58
C GLY B 328 0.15 -23.80 22.45
N ASP B 329 -1.00 -23.59 21.81
CA ASP B 329 -2.29 -23.39 22.48
C ASP B 329 -3.14 -24.61 22.11
N ARG B 330 -3.35 -25.50 23.08
CA ARG B 330 -4.08 -26.74 22.86
C ARG B 330 -5.56 -26.46 22.61
N GLU B 331 -6.11 -25.52 23.34
CA GLU B 331 -7.54 -25.18 23.24
C GLU B 331 -7.87 -24.68 21.83
N LEU B 332 -6.89 -24.01 21.23
CA LEU B 332 -7.07 -23.42 19.93
C LEU B 332 -6.99 -24.50 18.88
N LEU B 333 -6.17 -25.52 19.09
CA LEU B 333 -6.13 -26.64 18.14
C LEU B 333 -7.47 -27.40 18.12
N GLU B 334 -8.08 -27.50 19.30
CA GLU B 334 -9.34 -28.19 19.47
C GLU B 334 -10.44 -27.40 18.77
N LYS B 335 -10.35 -26.07 18.84
CA LYS B 335 -11.27 -25.22 18.07
C LYS B 335 -11.09 -25.36 16.57
N VAL B 336 -9.86 -25.51 16.10
CA VAL B 336 -9.69 -25.81 14.68
C VAL B 336 -10.49 -27.06 14.29
N LYS B 337 -10.49 -28.08 15.14
CA LYS B 337 -11.11 -29.37 14.76
C LYS B 337 -12.65 -29.33 14.67
N VAL B 338 -13.28 -28.36 15.32
CA VAL B 338 -14.74 -28.28 15.34
C VAL B 338 -15.30 -27.28 14.32
N VAL B 339 -14.43 -26.55 13.62
CA VAL B 339 -14.89 -25.60 12.62
C VAL B 339 -15.61 -26.27 11.49
N SER B 340 -16.77 -25.68 11.17
CA SER B 340 -17.44 -26.02 9.96
C SER B 340 -17.18 -24.87 8.98
N LEU B 341 -16.26 -25.10 8.06
CA LEU B 341 -15.81 -24.06 7.17
C LEU B 341 -16.90 -23.73 6.16
N PRO B 342 -17.33 -22.46 6.10
CA PRO B 342 -18.24 -22.11 5.03
C PRO B 342 -17.73 -22.43 3.64
N ASP B 343 -18.63 -22.88 2.78
CA ASP B 343 -18.30 -23.32 1.45
C ASP B 343 -17.61 -22.26 0.61
N GLU B 344 -17.87 -21.01 0.92
CA GLU B 344 -17.29 -19.85 0.20
C GLU B 344 -15.76 -19.81 0.34
N TYR B 345 -15.22 -20.45 1.37
CA TYR B 345 -13.77 -20.44 1.59
C TYR B 345 -13.09 -21.68 1.07
N LYS B 346 -13.83 -22.52 0.34
CA LYS B 346 -13.26 -23.66 -0.34
C LYS B 346 -12.96 -23.22 -1.77
N LYS B 347 -11.90 -23.76 -2.32
CA LYS B 347 -11.43 -23.49 -3.64
C LYS B 347 -11.34 -21.98 -3.89
N LEU B 348 -10.54 -21.30 -3.07
CA LEU B 348 -10.26 -19.88 -3.20
C LEU B 348 -9.23 -19.61 -4.27
N ILE B 349 -8.31 -20.56 -4.45
CA ILE B 349 -7.33 -20.53 -5.55
C ILE B 349 -7.27 -21.86 -6.27
N ASP B 350 -6.58 -21.85 -7.41
CA ASP B 350 -6.44 -23.01 -8.26
C ASP B 350 -5.02 -23.43 -8.14
N HIS B 351 -4.77 -24.46 -7.33
CA HIS B 351 -3.42 -24.91 -7.06
C HIS B 351 -3.54 -26.35 -6.58
N PRO B 352 -2.66 -27.25 -7.06
CA PRO B 352 -2.74 -28.64 -6.62
C PRO B 352 -2.59 -28.76 -5.11
N LYS B 353 -3.44 -29.59 -4.50
CA LYS B 353 -3.45 -29.78 -3.05
C LYS B 353 -2.25 -30.58 -2.62
N LYS B 354 -1.48 -30.05 -1.67
CA LYS B 354 -0.42 -30.84 -1.03
C LYS B 354 -0.35 -30.37 0.42
N PRO B 355 0.26 -31.16 1.29
CA PRO B 355 0.44 -30.73 2.66
C PRO B 355 1.57 -29.71 2.87
N PHE B 356 1.49 -29.03 4.01
CA PHE B 356 2.61 -28.25 4.53
C PHE B 356 3.56 -29.25 5.12
N GLU B 357 4.82 -28.85 5.27
CA GLU B 357 5.77 -29.67 6.05
C GLU B 357 5.31 -29.72 7.47
N MET B 358 4.86 -28.60 7.99
CA MET B 358 4.24 -28.54 9.29
C MET B 358 3.58 -27.20 9.46
N LEU B 359 2.71 -27.12 10.45
CA LEU B 359 2.06 -25.88 10.81
C LEU B 359 2.33 -25.62 12.27
N LEU B 360 3.11 -24.57 12.52
CA LEU B 360 3.37 -24.08 13.86
C LEU B 360 2.40 -22.97 14.23
N GLN B 361 2.07 -22.89 15.51
CA GLN B 361 1.27 -21.80 16.05
C GLN B 361 1.87 -21.37 17.36
N SER B 362 1.93 -20.05 17.56
CA SER B 362 2.45 -19.46 18.79
C SER B 362 1.69 -18.18 19.12
N PRO B 363 1.54 -17.89 20.42
CA PRO B 363 1.18 -16.55 20.80
C PRO B 363 2.41 -15.65 20.77
N VAL B 364 2.24 -14.38 21.13
CA VAL B 364 3.37 -13.48 21.29
C VAL B 364 4.11 -13.90 22.53
N GLY B 365 5.42 -14.02 22.43
CA GLY B 365 6.22 -14.59 23.50
C GLY B 365 6.86 -13.63 24.46
N CYS B 366 7.42 -14.19 25.53
CA CYS B 366 7.99 -13.41 26.59
C CYS B 366 9.50 -13.19 26.41
N GLY B 367 10.16 -13.82 25.45
CA GLY B 367 11.60 -13.54 25.29
C GLY B 367 12.52 -14.51 26.06
N VAL B 368 13.71 -14.06 26.47
CA VAL B 368 14.73 -14.98 27.01
C VAL B 368 14.38 -15.50 28.40
N LYS B 369 14.74 -16.77 28.63
CA LYS B 369 14.53 -17.42 29.91
C LYS B 369 15.87 -18.01 30.38
N TYR B 370 16.27 -17.66 31.61
CA TYR B 370 17.44 -18.26 32.26
C TYR B 370 16.97 -19.50 33.00
N LEU B 371 17.60 -20.64 32.71
CA LEU B 371 17.09 -21.91 33.20
C LEU B 371 17.90 -22.40 34.41
N GLY B 372 17.34 -23.34 35.16
CA GLY B 372 18.03 -23.91 36.33
C GLY B 372 18.97 -25.04 35.96
N PRO B 373 19.88 -25.43 36.90
CA PRO B 373 20.90 -26.47 36.71
C PRO B 373 20.47 -27.74 35.99
N SER B 374 19.27 -28.23 36.28
CA SER B 374 18.79 -29.49 35.69
C SER B 374 18.51 -29.38 34.20
N GLU B 375 18.42 -28.16 33.68
CA GLU B 375 18.24 -27.96 32.25
C GLU B 375 19.56 -27.86 31.50
N SER B 376 20.69 -27.91 32.20
CA SER B 376 22.00 -27.68 31.59
C SER B 376 22.37 -28.71 30.52
N LEU B 377 23.01 -28.25 29.46
CA LEU B 377 23.55 -29.10 28.42
C LEU B 377 25.01 -29.46 28.73
N ILE B 378 25.52 -28.94 29.84
CA ILE B 378 26.90 -29.18 30.29
C ILE B 378 26.87 -29.71 31.74
N PRO B 379 27.24 -30.99 31.95
CA PRO B 379 27.41 -31.64 33.29
C PRO B 379 28.30 -30.96 34.35
#